data_2Z8S
#
_entry.id   2Z8S
#
_cell.length_a   56.617
_cell.length_b   105.152
_cell.length_c   100.668
_cell.angle_alpha   90.00
_cell.angle_beta   95.22
_cell.angle_gamma   90.00
#
_symmetry.space_group_name_H-M   'P 1 21 1'
#
loop_
_entity.id
_entity.type
_entity.pdbx_description
1 polymer 'YesW protein'
2 branched 'alpha-D-galactopyranuronic acid-(1-4)-alpha-D-galactopyranuronic acid'
3 non-polymer 'CALCIUM ION'
4 water water
#
_entity_poly.entity_id   1
_entity_poly.type   'polypeptide(L)'
_entity_poly.pdbx_seq_one_letter_code
;AARQMEALNRGLVAVKTDGGIFVSWRFLGTENASVLFNVYRDGQKLNAAPVKTTNYVDKNGSAGSTYTVRAVVNGTEQPA
SEKASVWAQPYHSVPLDKPAGGTTPKGESYTYSANDASVGDVDGDGQYELILKWDPSNSKDNSQDGYTGDVLIDAYKLDG
TKLWRINLGKNIRAGAHYTQFMVYDLDGDGKAEVAMKTADGTKDGTGKVIGNANADYRNEQGRVLSGPEYLTVFQGSTGK
ELVTANFEPARGNVSDWGDSYGNRVDRFLAGIAYLDGQRPSLIMTRGYYAKTMLVAYNFRDGKLSKLWTLDSSKSGNEAF
AGQGNHNLSIADVDGDGKDEIIFGSMAVDHDGKGMYSTGLGHGDALHTGDLDPGRPGLEVFQVHEDKNAKYGLSFRDAAT
GKILWGVYAGKDVGRGMAADIDPRYPGQEVWANGSLYSAKGVKIGSGVPSSTNFGIWWDGDLLREQLDSNRIDKWDYQNG
VSKNMLTASGAAANNGTKATPTLQADLLGDWREEVVWRTEDSSALRIYTTTIPTEHRLYTLMHDPVYRLGIAWQNIAYNQ
PPHTSFFLGDGMAEQPKPNMYTPLEHHHHHH
;
_entity_poly.pdbx_strand_id   A,B
#
loop_
_chem_comp.id
_chem_comp.type
_chem_comp.name
_chem_comp.formula
ADA D-saccharide, alpha linking 'alpha-D-galactopyranuronic acid' 'C6 H10 O7'
CA non-polymer 'CALCIUM ION' 'Ca 2'
#
# COMPACT_ATOMS: atom_id res chain seq x y z
N ALA A 1 19.76 -35.84 25.15
CA ALA A 1 20.19 -34.57 25.82
C ALA A 1 19.45 -33.36 25.27
N ALA A 2 19.86 -32.18 25.75
CA ALA A 2 19.13 -30.96 25.49
C ALA A 2 19.70 -30.31 24.26
N ARG A 3 18.80 -29.95 23.36
CA ARG A 3 19.16 -29.27 22.14
C ARG A 3 19.23 -27.78 22.37
N GLN A 4 20.12 -27.12 21.64
CA GLN A 4 20.11 -25.68 21.53
C GLN A 4 18.87 -25.24 20.76
N MET A 5 18.07 -24.41 21.41
CA MET A 5 16.95 -23.75 20.73
C MET A 5 17.10 -22.26 21.00
N GLU A 6 16.23 -21.45 20.43
CA GLU A 6 16.39 -20.00 20.52
C GLU A 6 15.79 -19.38 21.76
N ALA A 7 16.50 -18.44 22.35
CA ALA A 7 15.93 -17.56 23.36
C ALA A 7 14.91 -16.67 22.67
N LEU A 8 13.64 -17.00 22.85
CA LEU A 8 12.56 -16.22 22.28
C LEU A 8 12.01 -15.27 23.33
N ASN A 9 11.56 -14.09 22.89
CA ASN A 9 10.80 -13.24 23.80
C ASN A 9 9.44 -13.89 24.01
N ARG A 10 8.49 -13.19 24.61
CA ARG A 10 7.20 -13.82 24.90
C ARG A 10 6.41 -13.99 23.60
N GLY A 11 6.88 -13.36 22.54
CA GLY A 11 6.19 -13.39 21.26
C GLY A 11 4.78 -12.88 21.38
N LEU A 12 4.57 -12.02 22.37
CA LEU A 12 3.27 -11.49 22.70
C LEU A 12 2.77 -10.65 21.56
N VAL A 13 1.65 -11.05 21.00
CA VAL A 13 1.04 -10.33 19.89
C VAL A 13 -0.40 -9.98 20.26
N ALA A 14 -0.84 -8.81 19.82
CA ALA A 14 -2.21 -8.37 20.07
C ALA A 14 -2.83 -7.93 18.77
N VAL A 15 -3.96 -8.54 18.43
CA VAL A 15 -4.68 -8.24 17.19
C VAL A 15 -6.07 -7.75 17.53
N LYS A 16 -6.49 -6.68 16.85
CA LYS A 16 -7.87 -6.22 16.97
C LYS A 16 -8.77 -7.15 16.18
N THR A 17 -9.72 -7.77 16.89
CA THR A 17 -10.80 -8.52 16.27
C THR A 17 -12.12 -7.78 16.49
N ASP A 18 -13.18 -8.33 15.90
CA ASP A 18 -14.53 -7.91 16.24
C ASP A 18 -14.80 -8.18 17.73
N GLY A 19 -14.46 -9.40 18.17
CA GLY A 19 -14.70 -9.85 19.55
C GLY A 19 -13.89 -9.13 20.64
N GLY A 20 -12.97 -8.27 20.22
CA GLY A 20 -12.11 -7.50 21.15
C GLY A 20 -10.64 -7.54 20.74
N ILE A 21 -9.76 -7.65 21.73
CA ILE A 21 -8.35 -7.75 21.44
C ILE A 21 -7.89 -9.16 21.69
N PHE A 22 -7.61 -9.90 20.61
CA PHE A 22 -7.07 -11.23 20.74
C PHE A 22 -5.61 -11.08 21.05
N VAL A 23 -5.16 -11.80 22.06
CA VAL A 23 -3.79 -11.71 22.52
C VAL A 23 -3.29 -13.13 22.67
N SER A 24 -2.18 -13.45 22.03
CA SER A 24 -1.55 -14.73 22.30
C SER A 24 -0.07 -14.54 22.60
N TRP A 25 0.55 -15.59 23.11
CA TRP A 25 1.97 -15.53 23.42
C TRP A 25 2.54 -16.92 23.44
N ARG A 26 3.85 -17.02 23.39
CA ARG A 26 4.49 -18.31 23.36
C ARG A 26 4.42 -18.95 24.73
N PHE A 27 4.17 -20.25 24.74
CA PHE A 27 4.47 -21.10 25.89
C PHE A 27 5.89 -21.55 25.59
N LEU A 28 6.84 -20.95 26.30
CA LEU A 28 8.25 -21.21 26.01
C LEU A 28 8.62 -22.60 26.55
N GLY A 29 9.54 -23.25 25.83
CA GLY A 29 9.96 -24.61 26.14
C GLY A 29 10.85 -24.69 27.36
N THR A 30 11.20 -23.51 27.84
CA THR A 30 11.91 -23.33 29.09
C THR A 30 10.95 -23.40 30.29
N GLU A 31 9.65 -23.30 29.99
CA GLU A 31 8.61 -23.17 31.02
C GLU A 31 7.93 -24.48 31.34
N ASN A 32 7.44 -24.61 32.57
CA ASN A 32 6.84 -25.86 33.03
C ASN A 32 5.34 -25.90 32.92
N ALA A 33 4.79 -27.10 32.96
CA ALA A 33 3.34 -27.34 33.01
C ALA A 33 2.64 -26.47 34.06
N SER A 34 3.36 -26.13 35.11
CA SER A 34 2.79 -25.35 36.21
C SER A 34 2.84 -23.85 35.98
N VAL A 35 3.53 -23.42 34.92
CA VAL A 35 3.61 -22.01 34.59
C VAL A 35 2.21 -21.52 34.19
N LEU A 36 1.78 -20.42 34.81
CA LEU A 36 0.53 -19.78 34.45
C LEU A 36 0.85 -18.37 34.02
N PHE A 37 -0.14 -17.63 33.53
CA PHE A 37 0.12 -16.27 33.04
C PHE A 37 -0.84 -15.21 33.55
N ASN A 38 -0.41 -13.96 33.44
CA ASN A 38 -1.27 -12.82 33.67
C ASN A 38 -1.16 -11.87 32.50
N VAL A 39 -2.30 -11.44 31.98
CA VAL A 39 -2.34 -10.47 30.91
C VAL A 39 -2.64 -9.07 31.45
N TYR A 40 -1.85 -8.10 31.00
CA TYR A 40 -2.00 -6.71 31.39
C TYR A 40 -2.28 -5.85 30.18
N ARG A 41 -3.35 -5.04 30.25
CA ARG A 41 -3.59 -4.01 29.26
C ARG A 41 -3.21 -2.66 29.86
N ASP A 42 -2.19 -2.03 29.27
CA ASP A 42 -1.68 -0.72 29.71
C ASP A 42 -1.31 -0.71 31.19
N GLY A 43 -0.89 -1.85 31.71
CA GLY A 43 -0.40 -1.92 33.08
C GLY A 43 -1.32 -2.53 34.12
N GLN A 44 -2.60 -2.72 33.78
CA GLN A 44 -3.52 -3.39 34.70
C GLN A 44 -3.87 -4.82 34.29
N LYS A 45 -3.82 -5.73 35.27
CA LYS A 45 -4.06 -7.17 35.08
C LYS A 45 -5.50 -7.45 34.69
N LEU A 46 -5.68 -8.30 33.68
CA LEU A 46 -7.00 -8.53 33.09
C LEU A 46 -7.70 -9.80 33.58
N ASN A 47 -6.95 -10.71 34.19
CA ASN A 47 -7.49 -12.00 34.60
C ASN A 47 -7.44 -12.15 36.12
N ALA A 48 -8.51 -12.69 36.67
CA ALA A 48 -8.62 -12.87 38.12
C ALA A 48 -7.55 -13.86 38.60
N ALA A 49 -7.68 -15.11 38.17
CA ALA A 49 -6.70 -16.14 38.44
C ALA A 49 -5.76 -16.21 37.25
N PRO A 50 -4.47 -16.45 37.51
CA PRO A 50 -3.55 -16.78 36.42
C PRO A 50 -4.14 -17.83 35.48
N VAL A 51 -4.06 -17.56 34.18
CA VAL A 51 -4.62 -18.44 33.15
C VAL A 51 -3.59 -19.49 32.76
N LYS A 52 -4.07 -20.63 32.29
CA LYS A 52 -3.18 -21.70 31.84
C LYS A 52 -2.80 -21.50 30.39
N THR A 53 -3.79 -21.31 29.53
CA THR A 53 -3.58 -21.23 28.08
C THR A 53 -2.89 -19.91 27.72
N THR A 54 -2.21 -19.92 26.58
CA THR A 54 -1.42 -18.78 26.14
C THR A 54 -2.12 -17.90 25.11
N ASN A 55 -3.43 -17.82 25.21
CA ASN A 55 -4.17 -16.83 24.47
C ASN A 55 -5.31 -16.29 25.32
N TYR A 56 -5.67 -15.05 25.06
CA TYR A 56 -6.62 -14.33 25.85
C TYR A 56 -7.33 -13.35 24.95
N VAL A 57 -8.63 -13.20 25.17
CA VAL A 57 -9.39 -12.17 24.49
C VAL A 57 -9.72 -11.08 25.51
N ASP A 58 -9.21 -9.87 25.25
CA ASP A 58 -9.57 -8.71 26.04
C ASP A 58 -10.72 -7.98 25.38
N LYS A 59 -11.90 -8.13 25.95
CA LYS A 59 -13.10 -7.59 25.34
C LYS A 59 -13.20 -6.05 25.46
N ASN A 60 -12.31 -5.44 26.24
CA ASN A 60 -12.38 -4.00 26.53
C ASN A 60 -11.26 -3.18 25.93
N GLY A 61 -10.22 -3.86 25.43
CA GLY A 61 -9.08 -3.18 24.84
C GLY A 61 -9.41 -2.46 23.54
N SER A 62 -8.69 -1.38 23.29
CA SER A 62 -8.83 -0.62 22.05
C SER A 62 -7.51 -0.68 21.28
N ALA A 63 -7.50 -0.09 20.08
CA ALA A 63 -6.31 -0.10 19.20
C ALA A 63 -5.11 0.60 19.83
N GLY A 64 -5.37 1.62 20.64
CA GLY A 64 -4.31 2.39 21.27
C GLY A 64 -3.59 1.62 22.37
N SER A 65 -4.22 0.54 22.82
CA SER A 65 -3.78 -0.20 24.00
C SER A 65 -2.52 -0.97 23.76
N THR A 66 -1.73 -1.14 24.82
CA THR A 66 -0.52 -1.93 24.77
C THR A 66 -0.59 -3.05 25.82
N TYR A 67 -0.07 -4.22 25.46
CA TYR A 67 -0.19 -5.39 26.31
C TYR A 67 1.15 -5.89 26.81
N THR A 68 1.15 -6.44 28.01
CA THR A 68 2.26 -7.23 28.48
C THR A 68 1.69 -8.48 29.10
N VAL A 69 2.52 -9.51 29.18
CA VAL A 69 2.17 -10.76 29.81
C VAL A 69 3.21 -11.01 30.91
N ARG A 70 2.77 -11.53 32.04
CA ARG A 70 3.69 -11.90 33.12
C ARG A 70 3.51 -13.36 33.42
N ALA A 71 4.60 -14.11 33.37
CA ALA A 71 4.53 -15.50 33.80
C ALA A 71 4.41 -15.55 35.33
N VAL A 72 3.89 -16.65 35.83
CA VAL A 72 3.81 -16.91 37.27
C VAL A 72 4.41 -18.28 37.48
N VAL A 73 5.70 -18.30 37.79
CA VAL A 73 6.39 -19.54 38.05
C VAL A 73 6.47 -19.73 39.56
N ASN A 74 6.24 -20.98 39.98
CA ASN A 74 6.33 -21.37 41.38
C ASN A 74 5.80 -20.30 42.35
N GLY A 75 4.54 -19.93 42.19
CA GLY A 75 3.86 -19.04 43.13
C GLY A 75 3.93 -17.54 42.89
N THR A 76 5.04 -17.06 42.33
CA THR A 76 5.25 -15.62 42.17
C THR A 76 5.32 -15.14 40.73
N GLU A 77 4.83 -13.91 40.53
CA GLU A 77 4.81 -13.26 39.22
C GLU A 77 6.22 -13.00 38.69
N GLN A 78 6.33 -12.89 37.37
CA GLN A 78 7.63 -12.65 36.71
C GLN A 78 7.67 -11.27 36.06
N PRO A 79 8.87 -10.81 35.65
CA PRO A 79 9.01 -9.54 34.96
C PRO A 79 8.19 -9.53 33.67
N ALA A 80 7.57 -8.40 33.38
CA ALA A 80 6.72 -8.26 32.20
C ALA A 80 7.44 -8.63 30.91
N SER A 81 6.66 -9.10 29.94
CA SER A 81 7.13 -9.31 28.58
C SER A 81 7.39 -7.97 27.92
N GLU A 82 7.76 -8.01 26.64
CA GLU A 82 7.82 -6.79 25.85
C GLU A 82 6.41 -6.20 25.68
N LYS A 83 6.35 -4.89 25.58
CA LYS A 83 5.12 -4.16 25.32
C LYS A 83 4.66 -4.55 23.92
N ALA A 84 3.39 -4.90 23.78
CA ALA A 84 2.83 -5.19 22.46
C ALA A 84 1.77 -4.16 22.14
N SER A 85 1.83 -3.57 20.95
CA SER A 85 0.73 -2.69 20.52
C SER A 85 -0.24 -3.51 19.68
N VAL A 86 -1.44 -3.00 19.49
CA VAL A 86 -2.47 -3.78 18.81
C VAL A 86 -2.40 -3.57 17.30
N TRP A 87 -2.38 -4.67 16.55
CA TRP A 87 -2.48 -4.61 15.09
C TRP A 87 -3.87 -4.14 14.72
N ALA A 88 -3.93 -2.99 14.06
CA ALA A 88 -5.18 -2.48 13.51
C ALA A 88 -5.79 -3.43 12.48
N GLN A 89 -4.93 -4.18 11.78
CA GLN A 89 -5.35 -5.14 10.75
C GLN A 89 -5.06 -6.57 11.22
N PRO A 90 -5.77 -7.58 10.66
CA PRO A 90 -5.55 -8.96 11.11
C PRO A 90 -4.18 -9.49 10.70
N TYR A 91 -3.42 -8.66 9.99
CA TYR A 91 -2.05 -8.95 9.63
C TYR A 91 -1.18 -7.77 10.01
N HIS A 92 0.07 -8.08 10.30
CA HIS A 92 1.04 -7.04 10.45
C HIS A 92 1.72 -6.85 9.11
N SER A 93 1.89 -5.60 8.72
CA SER A 93 2.42 -5.26 7.41
C SER A 93 3.90 -4.92 7.57
N VAL A 94 4.76 -5.64 6.87
CA VAL A 94 6.19 -5.33 6.87
C VAL A 94 6.53 -4.71 5.52
N PRO A 95 6.75 -3.38 5.49
CA PRO A 95 7.05 -2.72 4.22
C PRO A 95 8.42 -3.15 3.68
N LEU A 96 8.44 -3.54 2.42
CA LEU A 96 9.68 -3.98 1.81
C LEU A 96 10.30 -2.86 1.00
N ASP A 97 11.62 -2.85 0.94
CA ASP A 97 12.33 -1.96 0.06
C ASP A 97 12.40 -2.73 -1.23
N LYS A 98 11.43 -2.54 -2.12
CA LYS A 98 11.33 -3.37 -3.33
C LYS A 98 12.40 -2.99 -4.34
N PRO A 99 13.30 -3.94 -4.67
CA PRO A 99 14.40 -3.70 -5.60
C PRO A 99 13.89 -3.30 -6.98
N ALA A 100 14.67 -2.46 -7.67
CA ALA A 100 14.30 -2.02 -9.00
C ALA A 100 14.50 -3.19 -9.96
N GLY A 101 13.65 -3.27 -10.98
CA GLY A 101 13.85 -4.25 -12.04
C GLY A 101 15.17 -4.06 -12.76
N GLY A 102 15.52 -4.97 -13.65
CA GLY A 102 16.80 -4.89 -14.34
C GLY A 102 16.70 -5.32 -15.78
N THR A 103 17.86 -5.47 -16.41
CA THR A 103 17.90 -6.01 -17.74
C THR A 103 18.95 -7.07 -17.80
N THR A 104 18.56 -8.23 -18.30
CA THR A 104 19.49 -9.31 -18.56
C THR A 104 20.39 -8.91 -19.72
N PRO A 105 21.56 -9.56 -19.87
CA PRO A 105 22.36 -9.32 -21.07
C PRO A 105 21.55 -9.40 -22.37
N LYS A 106 20.49 -10.21 -22.41
CA LYS A 106 19.70 -10.39 -23.63
C LYS A 106 18.67 -9.29 -23.91
N GLY A 107 18.76 -8.17 -23.18
CA GLY A 107 17.84 -7.06 -23.39
C GLY A 107 16.51 -7.21 -22.68
N GLU A 108 16.17 -8.45 -22.32
CA GLU A 108 14.95 -8.76 -21.56
C GLU A 108 14.97 -8.12 -20.15
N SER A 109 13.93 -7.36 -19.84
CA SER A 109 13.81 -6.78 -18.49
C SER A 109 13.04 -7.68 -17.53
N TYR A 110 13.30 -7.50 -16.24
CA TYR A 110 12.61 -8.25 -15.20
C TYR A 110 12.25 -7.35 -14.03
N THR A 111 11.33 -7.84 -13.21
CA THR A 111 10.86 -7.16 -12.03
C THR A 111 11.08 -8.12 -10.88
N TYR A 112 10.99 -7.62 -9.65
CA TYR A 112 11.10 -8.47 -8.50
C TYR A 112 9.79 -8.67 -7.76
N SER A 113 9.57 -9.90 -7.32
CA SER A 113 8.51 -10.18 -6.38
C SER A 113 9.14 -10.84 -5.17
N ALA A 114 8.59 -10.58 -3.98
CA ALA A 114 9.05 -11.21 -2.74
C ALA A 114 8.67 -12.69 -2.75
N ASN A 115 9.64 -13.54 -2.41
CA ASN A 115 9.46 -14.97 -2.58
C ASN A 115 9.57 -15.73 -1.25
N ASP A 116 10.30 -16.85 -1.25
CA ASP A 116 10.51 -17.67 -0.06
C ASP A 116 11.14 -16.89 1.08
N ALA A 117 10.66 -17.13 2.29
CA ALA A 117 11.26 -16.50 3.44
C ALA A 117 11.74 -17.55 4.41
N SER A 118 12.60 -17.10 5.32
CA SER A 118 12.99 -17.87 6.48
C SER A 118 13.05 -16.89 7.64
N VAL A 119 13.10 -17.43 8.85
CA VAL A 119 13.21 -16.58 10.02
C VAL A 119 14.40 -16.95 10.86
N GLY A 120 14.97 -15.93 11.50
CA GLY A 120 15.96 -16.10 12.52
C GLY A 120 15.92 -14.88 13.40
N ASP A 121 16.39 -15.05 14.62
CA ASP A 121 16.64 -13.95 15.50
C ASP A 121 18.03 -13.45 15.15
N VAL A 122 18.14 -12.43 14.31
CA VAL A 122 19.46 -12.01 13.83
C VAL A 122 20.20 -11.01 14.69
N ASP A 123 19.48 -10.26 15.52
CA ASP A 123 20.12 -9.32 16.41
C ASP A 123 19.93 -9.74 17.86
N GLY A 124 19.31 -10.91 18.06
CA GLY A 124 19.22 -11.54 19.36
C GLY A 124 18.25 -10.88 20.33
N ASP A 125 17.33 -10.07 19.82
CA ASP A 125 16.38 -9.39 20.68
C ASP A 125 15.21 -10.29 21.10
N GLY A 126 15.26 -11.57 20.73
CA GLY A 126 14.22 -12.55 21.10
C GLY A 126 13.05 -12.64 20.11
N GLN A 127 13.15 -11.90 19.02
CA GLN A 127 12.12 -11.84 18.01
C GLN A 127 12.66 -12.12 16.62
N TYR A 128 11.89 -12.89 15.86
CA TYR A 128 12.29 -13.30 14.52
C TYR A 128 12.31 -12.18 13.51
N GLU A 129 13.40 -12.10 12.76
CA GLU A 129 13.47 -11.26 11.59
C GLU A 129 13.10 -12.10 10.38
N LEU A 130 12.64 -11.41 9.35
CA LEU A 130 12.24 -12.06 8.13
C LEU A 130 13.37 -11.99 7.14
N ILE A 131 13.83 -13.17 6.73
CA ILE A 131 14.89 -13.27 5.76
C ILE A 131 14.23 -13.66 4.46
N LEU A 132 14.21 -12.70 3.55
CA LEU A 132 13.37 -12.76 2.36
C LEU A 132 14.16 -12.85 1.07
N LYS A 133 13.97 -13.95 0.35
CA LYS A 133 14.43 -14.06 -1.02
C LYS A 133 13.51 -13.26 -1.97
N TRP A 134 14.12 -12.39 -2.76
CA TRP A 134 13.45 -11.75 -3.87
C TRP A 134 13.70 -12.58 -5.12
N ASP A 135 12.67 -12.67 -5.95
CA ASP A 135 12.71 -13.50 -7.12
C ASP A 135 12.49 -12.61 -8.34
N PRO A 136 13.36 -12.70 -9.35
CA PRO A 136 13.13 -11.92 -10.55
C PRO A 136 12.13 -12.62 -11.47
N SER A 137 11.36 -11.83 -12.21
CA SER A 137 10.36 -12.35 -13.15
C SER A 137 10.88 -13.50 -13.98
N ASN A 138 12.14 -13.40 -14.40
CA ASN A 138 12.69 -14.39 -15.31
C ASN A 138 13.29 -15.62 -14.65
N SER A 139 13.06 -15.81 -13.35
CA SER A 139 13.62 -16.97 -12.65
C SER A 139 13.22 -18.29 -13.31
N LYS A 140 14.06 -19.30 -13.20
CA LYS A 140 13.97 -20.50 -14.05
C LYS A 140 14.02 -21.83 -13.30
N ASP A 141 13.16 -22.75 -13.72
CA ASP A 141 13.30 -24.13 -13.29
C ASP A 141 14.56 -24.66 -13.96
N ASN A 142 15.16 -25.68 -13.36
CA ASN A 142 16.40 -26.24 -13.89
C ASN A 142 16.28 -26.73 -15.32
N SER A 143 15.07 -27.11 -15.73
CA SER A 143 14.80 -27.56 -17.10
C SER A 143 14.77 -26.43 -18.15
N GLN A 144 14.55 -25.19 -17.72
CA GLN A 144 14.38 -24.05 -18.64
C GLN A 144 15.66 -23.25 -18.82
N ASP A 145 16.09 -23.08 -20.06
CA ASP A 145 17.17 -22.16 -20.39
C ASP A 145 16.72 -20.71 -20.21
N GLY A 146 17.67 -19.78 -20.32
CA GLY A 146 17.40 -18.34 -20.20
C GLY A 146 18.16 -17.72 -19.05
N TYR A 147 18.56 -16.46 -19.24
CA TYR A 147 19.13 -15.65 -18.16
C TYR A 147 18.09 -15.31 -17.11
N THR A 148 18.57 -15.05 -15.90
CA THR A 148 17.73 -14.69 -14.77
C THR A 148 18.33 -13.48 -14.10
N GLY A 149 17.49 -12.61 -13.55
CA GLY A 149 17.96 -11.48 -12.77
C GLY A 149 18.57 -11.90 -11.44
N ASP A 150 19.25 -10.96 -10.79
CA ASP A 150 19.95 -11.26 -9.55
C ASP A 150 18.99 -11.69 -8.46
N VAL A 151 19.38 -12.72 -7.73
CA VAL A 151 18.70 -13.10 -6.51
C VAL A 151 19.12 -12.10 -5.42
N LEU A 152 18.15 -11.62 -4.66
CA LEU A 152 18.37 -10.70 -3.56
C LEU A 152 17.75 -11.27 -2.29
N ILE A 153 18.54 -11.31 -1.22
CA ILE A 153 18.04 -11.73 0.06
C ILE A 153 18.04 -10.49 0.91
N ASP A 154 16.88 -10.16 1.47
CA ASP A 154 16.77 -9.05 2.39
C ASP A 154 16.56 -9.60 3.77
N ALA A 155 16.90 -8.81 4.76
CA ALA A 155 16.52 -9.08 6.13
C ALA A 155 15.73 -7.90 6.67
N TYR A 156 14.63 -8.23 7.33
CA TYR A 156 13.71 -7.23 7.80
C TYR A 156 13.35 -7.54 9.23
N LYS A 157 13.42 -6.53 10.10
CA LYS A 157 12.77 -6.62 11.39
C LYS A 157 11.29 -6.47 11.13
N LEU A 158 10.48 -6.92 12.06
CA LEU A 158 9.05 -6.81 11.87
C LEU A 158 8.56 -5.36 11.81
N ASP A 159 9.33 -4.41 12.33
CA ASP A 159 8.96 -3.00 12.19
C ASP A 159 9.22 -2.49 10.76
N GLY A 160 9.84 -3.32 9.94
CA GLY A 160 10.04 -2.98 8.54
C GLY A 160 11.41 -2.41 8.23
N THR A 161 12.25 -2.31 9.26
CA THR A 161 13.65 -1.92 9.11
C THR A 161 14.39 -2.94 8.26
N LYS A 162 14.82 -2.50 7.07
CA LYS A 162 15.60 -3.33 6.20
C LYS A 162 17.02 -3.31 6.74
N LEU A 163 17.44 -4.39 7.37
CA LEU A 163 18.78 -4.47 7.96
C LEU A 163 19.85 -4.51 6.87
N TRP A 164 19.60 -5.27 5.82
CA TRP A 164 20.55 -5.40 4.73
C TRP A 164 19.93 -6.03 3.50
N ARG A 165 20.68 -5.98 2.42
CA ARG A 165 20.37 -6.77 1.24
C ARG A 165 21.62 -7.52 0.82
N ILE A 166 21.51 -8.83 0.66
CA ILE A 166 22.57 -9.57 -0.01
C ILE A 166 22.17 -9.75 -1.46
N ASN A 167 23.00 -9.26 -2.37
CA ASN A 167 22.80 -9.50 -3.79
C ASN A 167 23.68 -10.66 -4.23
N LEU A 168 23.07 -11.80 -4.53
CA LEU A 168 23.83 -12.98 -4.91
C LEU A 168 24.54 -12.81 -6.24
N GLY A 169 24.03 -11.90 -7.06
CA GLY A 169 24.71 -11.48 -8.29
C GLY A 169 24.52 -12.38 -9.49
N LYS A 170 25.25 -12.07 -10.55
CA LYS A 170 25.09 -12.71 -11.85
C LYS A 170 25.34 -14.21 -11.87
N ASN A 171 26.13 -14.70 -10.93
CA ASN A 171 26.58 -16.10 -11.01
C ASN A 171 25.77 -17.12 -10.20
N ILE A 172 24.73 -16.62 -9.54
CA ILE A 172 23.75 -17.48 -8.92
C ILE A 172 22.45 -17.33 -9.72
N ARG A 173 22.10 -18.39 -10.44
CA ARG A 173 20.88 -18.43 -11.23
C ARG A 173 19.69 -18.31 -10.30
N ALA A 174 18.69 -17.55 -10.73
CA ALA A 174 17.47 -17.42 -9.95
C ALA A 174 16.54 -18.59 -10.27
N GLY A 175 16.01 -19.20 -9.23
CA GLY A 175 15.08 -20.30 -9.40
C GLY A 175 14.89 -21.09 -8.12
N ALA A 176 13.74 -21.76 -8.03
CA ALA A 176 13.37 -22.57 -6.88
C ALA A 176 14.47 -23.53 -6.40
N HIS A 177 15.24 -24.07 -7.34
CA HIS A 177 16.13 -25.18 -7.02
C HIS A 177 17.56 -24.76 -6.80
N TYR A 178 17.84 -23.50 -7.12
CA TYR A 178 19.16 -22.92 -6.97
C TYR A 178 19.50 -22.52 -5.52
N THR A 179 19.15 -21.29 -5.13
CA THR A 179 19.41 -20.81 -3.77
C THR A 179 18.52 -21.46 -2.70
N GLN A 180 19.16 -22.21 -1.81
CA GLN A 180 18.49 -22.72 -0.63
C GLN A 180 19.17 -22.08 0.55
N PHE A 181 18.48 -21.14 1.18
CA PHE A 181 19.10 -20.42 2.27
C PHE A 181 18.74 -20.94 3.66
N MET A 182 19.77 -21.12 4.48
CA MET A 182 19.57 -21.58 5.84
C MET A 182 19.74 -20.41 6.79
N VAL A 183 18.72 -20.13 7.58
CA VAL A 183 18.82 -19.05 8.52
C VAL A 183 18.71 -19.72 9.85
N TYR A 184 19.77 -19.64 10.64
CA TYR A 184 19.82 -20.38 11.88
C TYR A 184 21.00 -19.96 12.72
N ASP A 185 20.81 -19.93 14.03
CA ASP A 185 21.90 -19.68 14.97
C ASP A 185 22.75 -20.94 14.97
N LEU A 186 23.75 -20.93 14.10
CA LEU A 186 24.50 -22.13 13.82
C LEU A 186 25.53 -22.37 14.90
N ASP A 187 26.05 -21.30 15.46
CA ASP A 187 27.18 -21.40 16.36
C ASP A 187 26.78 -21.14 17.81
N GLY A 188 25.49 -20.95 18.05
CA GLY A 188 24.98 -20.78 19.39
C GLY A 188 25.33 -19.49 20.11
N ASP A 189 25.43 -18.38 19.39
CA ASP A 189 25.63 -17.08 20.04
C ASP A 189 24.31 -16.31 20.20
N GLY A 190 23.20 -17.01 20.01
CA GLY A 190 21.88 -16.47 20.26
C GLY A 190 21.37 -15.63 19.11
N LYS A 191 22.23 -15.36 18.14
CA LYS A 191 21.88 -14.61 16.93
C LYS A 191 21.97 -15.53 15.71
N ALA A 192 21.02 -15.46 14.79
CA ALA A 192 21.04 -16.36 13.64
C ALA A 192 22.01 -15.89 12.57
N GLU A 193 22.72 -16.83 11.98
CA GLU A 193 23.40 -16.53 10.72
C GLU A 193 22.56 -16.95 9.54
N VAL A 194 22.89 -16.39 8.38
CA VAL A 194 22.25 -16.73 7.13
C VAL A 194 23.31 -17.44 6.29
N ALA A 195 23.13 -18.73 6.03
CA ALA A 195 24.09 -19.43 5.19
C ALA A 195 23.45 -19.89 3.89
N MET A 196 24.17 -19.71 2.80
CA MET A 196 23.68 -20.16 1.51
C MET A 196 24.83 -20.29 0.50
N LYS A 197 24.52 -20.85 -0.66
CA LYS A 197 25.47 -20.97 -1.74
C LYS A 197 25.66 -19.59 -2.35
N THR A 198 26.91 -19.19 -2.52
CA THR A 198 27.23 -17.91 -3.13
C THR A 198 28.21 -18.13 -4.27
N ALA A 199 28.51 -17.04 -4.96
CA ALA A 199 29.30 -17.08 -6.18
C ALA A 199 30.15 -15.83 -6.28
N ASP A 200 31.06 -15.79 -7.24
CA ASP A 200 31.76 -14.54 -7.50
C ASP A 200 30.70 -13.49 -7.76
N GLY A 201 30.96 -12.27 -7.31
CA GLY A 201 30.04 -11.19 -7.56
C GLY A 201 28.94 -11.10 -6.52
N THR A 202 28.84 -12.09 -5.65
CA THR A 202 27.92 -11.97 -4.53
C THR A 202 28.33 -10.73 -3.72
N LYS A 203 27.39 -9.79 -3.59
CA LYS A 203 27.59 -8.58 -2.79
C LYS A 203 26.88 -8.77 -1.46
N ASP A 204 27.63 -8.73 -0.36
CA ASP A 204 27.07 -8.95 0.98
C ASP A 204 26.40 -7.69 1.50
N GLY A 205 25.89 -7.75 2.72
CA GLY A 205 25.10 -6.66 3.28
C GLY A 205 25.82 -5.34 3.36
N THR A 206 27.14 -5.37 3.39
CA THR A 206 27.92 -4.16 3.57
C THR A 206 28.30 -3.57 2.23
N GLY A 207 27.95 -4.28 1.16
CA GLY A 207 28.23 -3.83 -0.20
C GLY A 207 29.57 -4.37 -0.69
N LYS A 208 30.09 -5.35 0.03
CA LYS A 208 31.35 -5.98 -0.30
C LYS A 208 31.09 -7.15 -1.22
N VAL A 209 31.94 -7.32 -2.22
CA VAL A 209 31.78 -8.42 -3.14
C VAL A 209 32.61 -9.64 -2.72
N ILE A 210 31.96 -10.80 -2.69
CA ILE A 210 32.61 -12.08 -2.51
C ILE A 210 33.29 -12.47 -3.81
N GLY A 211 34.58 -12.82 -3.71
CA GLY A 211 35.36 -13.27 -4.85
C GLY A 211 35.60 -12.18 -5.87
N ASN A 212 35.38 -12.53 -7.14
CA ASN A 212 35.75 -11.68 -8.27
C ASN A 212 34.57 -10.84 -8.74
N ALA A 213 34.57 -9.57 -8.37
CA ALA A 213 33.46 -8.66 -8.67
C ALA A 213 33.04 -8.64 -10.12
N ASN A 214 33.93 -9.05 -11.02
CA ASN A 214 33.72 -8.95 -12.46
C ASN A 214 33.46 -10.26 -13.20
N ALA A 215 33.83 -11.37 -12.57
CA ALA A 215 33.64 -12.70 -13.16
C ALA A 215 32.18 -12.95 -13.57
N ASP A 216 32.01 -13.43 -14.79
CA ASP A 216 30.72 -13.77 -15.32
C ASP A 216 30.79 -15.19 -15.86
N TYR A 217 30.22 -16.13 -15.11
CA TYR A 217 30.22 -17.54 -15.52
C TYR A 217 28.92 -18.01 -16.13
N ARG A 218 28.07 -17.05 -16.50
CA ARG A 218 26.82 -17.35 -17.17
C ARG A 218 27.11 -17.84 -18.58
N ASN A 219 26.70 -19.06 -18.90
CA ASN A 219 26.77 -19.50 -20.29
C ASN A 219 25.64 -18.89 -21.10
N GLU A 220 25.63 -19.15 -22.39
CA GLU A 220 24.64 -18.55 -23.29
C GLU A 220 23.19 -18.95 -22.99
N GLN A 221 22.98 -20.04 -22.24
CA GLN A 221 21.64 -20.42 -21.80
C GLN A 221 21.26 -19.75 -20.47
N GLY A 222 22.13 -18.86 -20.00
CA GLY A 222 21.91 -18.12 -18.75
C GLY A 222 22.04 -19.00 -17.52
N ARG A 223 22.64 -20.18 -17.70
CA ARG A 223 22.98 -21.05 -16.59
C ARG A 223 24.39 -20.75 -16.16
N VAL A 224 24.71 -21.08 -14.92
CA VAL A 224 26.06 -20.90 -14.42
C VAL A 224 26.66 -22.28 -14.16
N LEU A 225 27.37 -22.81 -15.16
CA LEU A 225 27.83 -24.20 -15.12
C LEU A 225 29.33 -24.34 -14.84
N SER A 226 30.08 -23.28 -15.01
CA SER A 226 31.48 -23.30 -14.63
C SER A 226 31.73 -22.28 -13.53
N GLY A 227 33.00 -22.13 -13.16
CA GLY A 227 33.40 -21.16 -12.16
C GLY A 227 33.33 -21.74 -10.78
N PRO A 228 34.02 -21.10 -9.83
CA PRO A 228 33.95 -21.58 -8.45
C PRO A 228 32.54 -21.39 -7.87
N GLU A 229 32.30 -22.08 -6.77
CA GLU A 229 31.03 -22.11 -6.11
C GLU A 229 31.35 -22.00 -4.65
N TYR A 230 30.65 -21.10 -3.97
CA TYR A 230 30.96 -20.87 -2.58
C TYR A 230 29.79 -21.18 -1.67
N LEU A 231 30.13 -21.36 -0.40
CA LEU A 231 29.18 -21.40 0.67
C LEU A 231 29.57 -20.27 1.58
N THR A 232 28.67 -19.31 1.75
CA THR A 232 28.90 -18.23 2.68
C THR A 232 27.98 -18.30 3.89
N VAL A 233 28.55 -18.26 5.08
CA VAL A 233 27.81 -17.95 6.28
C VAL A 233 27.85 -16.42 6.39
N PHE A 234 26.68 -15.81 6.45
CA PHE A 234 26.61 -14.38 6.64
C PHE A 234 26.20 -14.06 8.08
N GLN A 235 26.70 -12.94 8.59
CA GLN A 235 26.21 -12.42 9.85
C GLN A 235 24.79 -11.94 9.66
N GLY A 236 23.88 -12.46 10.48
CA GLY A 236 22.48 -12.13 10.37
C GLY A 236 22.18 -10.65 10.47
N SER A 237 22.80 -9.97 11.44
CA SER A 237 22.45 -8.60 11.79
C SER A 237 22.85 -7.58 10.76
N THR A 238 23.83 -7.90 9.92
CA THR A 238 24.40 -6.92 9.00
C THR A 238 24.44 -7.41 7.57
N GLY A 239 24.29 -8.73 7.40
CA GLY A 239 24.44 -9.36 6.09
C GLY A 239 25.90 -9.38 5.68
N LYS A 240 26.76 -9.14 6.66
CA LYS A 240 28.19 -9.15 6.46
C LYS A 240 28.59 -10.58 6.25
N GLU A 241 29.42 -10.81 5.24
CA GLU A 241 30.06 -12.10 5.07
C GLU A 241 30.88 -12.43 6.31
N LEU A 242 30.64 -13.60 6.88
CA LEU A 242 31.44 -14.05 8.01
C LEU A 242 32.53 -14.96 7.47
N VAL A 243 32.10 -16.09 6.92
CA VAL A 243 33.03 -17.05 6.32
C VAL A 243 32.51 -17.48 4.96
N THR A 244 33.43 -17.63 4.02
CA THR A 244 33.10 -18.21 2.74
C THR A 244 34.11 -19.29 2.43
N ALA A 245 33.64 -20.53 2.36
CA ALA A 245 34.44 -21.63 1.83
C ALA A 245 33.90 -22.04 0.45
N ASN A 246 34.61 -22.93 -0.23
CA ASN A 246 34.15 -23.46 -1.51
C ASN A 246 32.94 -24.35 -1.28
N PHE A 247 31.93 -24.22 -2.13
CA PHE A 247 30.72 -25.00 -1.97
C PHE A 247 30.95 -26.48 -2.14
N GLU A 248 30.40 -27.26 -1.23
CA GLU A 248 30.28 -28.68 -1.42
C GLU A 248 28.86 -29.10 -1.08
N PRO A 249 28.30 -30.08 -1.81
CA PRO A 249 28.96 -30.91 -2.82
C PRO A 249 29.40 -30.10 -4.03
N ALA A 250 30.64 -30.28 -4.45
CA ALA A 250 31.17 -29.59 -5.64
C ALA A 250 30.41 -29.99 -6.90
N ARG A 251 30.42 -29.10 -7.87
CA ARG A 251 29.76 -29.35 -9.14
C ARG A 251 30.34 -30.57 -9.82
N GLY A 252 31.66 -30.61 -9.97
CA GLY A 252 32.28 -31.63 -10.81
C GLY A 252 31.90 -31.34 -12.26
N ASN A 253 31.71 -32.39 -13.05
CA ASN A 253 31.16 -32.22 -14.39
C ASN A 253 29.64 -32.23 -14.30
N VAL A 254 29.00 -31.29 -14.99
CA VAL A 254 27.53 -31.24 -15.08
C VAL A 254 26.96 -32.64 -15.35
N SER A 255 27.58 -33.36 -16.28
CA SER A 255 27.13 -34.69 -16.69
C SER A 255 27.05 -35.76 -15.61
N ASP A 256 27.90 -35.68 -14.59
CA ASP A 256 27.89 -36.64 -13.48
C ASP A 256 26.50 -36.77 -12.87
N TRP A 257 25.70 -35.71 -13.01
CA TRP A 257 24.44 -35.61 -12.33
C TRP A 257 23.28 -36.12 -13.18
N GLY A 258 23.60 -36.60 -14.39
CA GLY A 258 22.63 -37.30 -15.22
C GLY A 258 22.05 -36.51 -16.36
N ASP A 259 22.67 -35.38 -16.68
CA ASP A 259 22.38 -34.63 -17.90
C ASP A 259 23.50 -33.64 -18.19
N SER A 260 23.52 -33.11 -19.39
CA SER A 260 24.67 -32.34 -19.86
C SER A 260 24.33 -30.86 -20.02
N TYR A 261 23.04 -30.56 -20.06
CA TYR A 261 22.62 -29.20 -20.35
C TYR A 261 22.44 -28.32 -19.10
N GLY A 262 22.52 -28.95 -17.92
CA GLY A 262 22.63 -28.20 -16.67
C GLY A 262 21.42 -28.22 -15.77
N ASN A 263 20.68 -29.32 -15.78
CA ASN A 263 19.50 -29.44 -14.95
C ASN A 263 19.83 -30.07 -13.60
N ARG A 264 20.08 -31.38 -13.62
CA ARG A 264 20.30 -32.20 -12.44
C ARG A 264 21.43 -31.74 -11.56
N VAL A 265 22.43 -31.08 -12.14
CA VAL A 265 23.59 -30.60 -11.40
C VAL A 265 23.19 -29.57 -10.35
N ASP A 266 22.17 -28.78 -10.67
CA ASP A 266 21.81 -27.64 -9.85
C ASP A 266 20.56 -27.90 -9.02
N ARG A 267 20.44 -29.12 -8.50
CA ARG A 267 19.31 -29.52 -7.69
C ARG A 267 19.68 -29.49 -6.20
N PHE A 268 19.59 -28.30 -5.63
CA PHE A 268 20.06 -28.10 -4.28
C PHE A 268 18.97 -28.29 -3.27
N LEU A 269 19.38 -28.80 -2.12
CA LEU A 269 18.54 -28.83 -0.96
C LEU A 269 19.45 -28.45 0.18
N ALA A 270 18.86 -27.98 1.27
CA ALA A 270 19.63 -27.55 2.39
C ALA A 270 18.82 -27.83 3.62
N GLY A 271 19.50 -28.03 4.73
CA GLY A 271 18.80 -28.31 5.95
C GLY A 271 19.56 -27.86 7.17
N ILE A 272 18.87 -27.87 8.30
CA ILE A 272 19.50 -27.77 9.58
C ILE A 272 19.22 -29.07 10.30
N ALA A 273 20.27 -29.69 10.80
CA ALA A 273 20.16 -30.96 11.48
C ALA A 273 21.05 -30.99 12.72
N TYR A 274 20.49 -31.42 13.84
CA TYR A 274 21.26 -31.63 15.07
C TYR A 274 21.86 -33.00 14.99
N LEU A 275 22.96 -33.10 14.26
CA LEU A 275 23.61 -34.38 14.01
C LEU A 275 24.35 -34.87 15.26
N ASP A 276 24.88 -33.94 16.05
CA ASP A 276 25.43 -34.31 17.37
C ASP A 276 24.31 -34.53 18.41
N GLY A 277 23.11 -34.05 18.10
CA GLY A 277 21.95 -34.27 18.97
C GLY A 277 21.74 -33.13 19.96
N GLN A 278 22.44 -32.03 19.74
CA GLN A 278 22.52 -30.95 20.72
C GLN A 278 22.62 -29.59 20.03
N ARG A 279 23.50 -29.47 19.05
CA ARG A 279 23.72 -28.20 18.37
C ARG A 279 23.46 -28.36 16.87
N PRO A 280 23.05 -27.27 16.18
CA PRO A 280 22.69 -27.38 14.78
C PRO A 280 23.87 -27.56 13.83
N SER A 281 23.70 -28.48 12.88
CA SER A 281 24.61 -28.56 11.75
C SER A 281 23.86 -28.06 10.52
N LEU A 282 24.63 -27.63 9.53
CA LEU A 282 24.11 -27.18 8.27
C LEU A 282 24.27 -28.33 7.26
N ILE A 283 23.22 -28.58 6.48
CA ILE A 283 23.24 -29.63 5.49
C ILE A 283 23.02 -28.99 4.14
N MET A 284 23.94 -29.23 3.23
CA MET A 284 23.84 -28.78 1.86
C MET A 284 23.87 -30.02 1.00
N THR A 285 22.89 -30.14 0.12
CA THR A 285 22.78 -31.32 -0.70
C THR A 285 22.67 -30.91 -2.14
N ARG A 286 23.25 -31.75 -3.00
CA ARG A 286 23.25 -31.52 -4.42
C ARG A 286 22.73 -32.76 -5.13
N GLY A 287 21.85 -32.54 -6.10
CA GLY A 287 21.30 -33.63 -6.88
C GLY A 287 20.30 -34.48 -6.12
N TYR A 288 19.40 -35.10 -6.88
CA TYR A 288 18.50 -36.13 -6.35
C TYR A 288 17.93 -37.06 -7.43
N TYR A 289 17.96 -36.65 -8.68
CA TYR A 289 17.47 -37.49 -9.77
C TYR A 289 18.34 -38.72 -10.03
N ALA A 290 19.64 -38.55 -9.95
CA ALA A 290 20.55 -39.66 -10.09
C ALA A 290 21.63 -39.51 -9.04
N LYS A 291 22.80 -39.04 -9.42
CA LYS A 291 23.83 -38.74 -8.45
C LYS A 291 23.27 -37.81 -7.37
N THR A 292 23.55 -38.19 -6.12
CA THR A 292 22.99 -37.50 -4.97
C THR A 292 24.06 -37.30 -3.91
N MET A 293 24.25 -36.06 -3.49
CA MET A 293 25.23 -35.78 -2.47
C MET A 293 24.67 -34.95 -1.32
N LEU A 294 25.00 -35.37 -0.10
CA LEU A 294 24.64 -34.62 1.08
C LEU A 294 25.92 -34.37 1.82
N VAL A 295 26.26 -33.10 2.03
CA VAL A 295 27.35 -32.76 2.89
C VAL A 295 26.87 -31.93 4.08
N ALA A 296 27.40 -32.26 5.26
CA ALA A 296 27.06 -31.65 6.52
C ALA A 296 28.14 -30.70 6.97
N TYR A 297 27.72 -29.56 7.52
CA TYR A 297 28.62 -28.54 8.02
C TYR A 297 28.26 -28.11 9.43
N ASN A 298 29.29 -27.75 10.19
CA ASN A 298 29.10 -26.97 11.40
C ASN A 298 29.66 -25.58 11.15
N PHE A 299 28.93 -24.58 11.60
CA PHE A 299 29.53 -23.28 11.76
C PHE A 299 29.61 -23.02 13.25
N ARG A 300 30.83 -22.96 13.77
CA ARG A 300 31.09 -22.84 15.21
C ARG A 300 32.45 -22.22 15.44
N ASP A 301 32.51 -21.32 16.42
CA ASP A 301 33.74 -20.57 16.76
C ASP A 301 34.35 -19.91 15.53
N GLY A 302 33.52 -19.18 14.79
CA GLY A 302 33.93 -18.47 13.58
C GLY A 302 34.53 -19.36 12.50
N LYS A 303 34.30 -20.67 12.60
CA LYS A 303 34.85 -21.64 11.64
C LYS A 303 33.78 -22.47 10.95
N LEU A 304 33.82 -22.50 9.63
CA LEU A 304 33.01 -23.43 8.87
C LEU A 304 33.77 -24.75 8.70
N SER A 305 33.09 -25.86 9.01
N SER A 305 33.09 -25.87 8.99
CA SER A 305 33.73 -27.18 8.98
CA SER A 305 33.73 -27.18 8.99
C SER A 305 32.85 -28.23 8.33
C SER A 305 32.85 -28.24 8.34
N LYS A 306 33.45 -29.02 7.44
CA LYS A 306 32.75 -30.09 6.78
C LYS A 306 32.70 -31.29 7.72
N LEU A 307 31.50 -31.81 7.98
CA LEU A 307 31.31 -32.90 8.94
C LEU A 307 31.39 -34.27 8.28
N TRP A 308 30.72 -34.40 7.14
CA TRP A 308 30.77 -35.60 6.35
C TRP A 308 30.10 -35.36 5.01
N THR A 309 30.39 -36.27 4.07
CA THR A 309 29.71 -36.26 2.80
C THR A 309 29.11 -37.64 2.60
N LEU A 310 27.89 -37.67 2.10
CA LEU A 310 27.34 -38.88 1.53
C LEU A 310 27.29 -38.65 0.03
N ASP A 311 27.71 -39.67 -0.70
CA ASP A 311 27.85 -39.60 -2.14
C ASP A 311 27.25 -40.88 -2.67
N SER A 312 26.19 -40.76 -3.48
CA SER A 312 25.50 -41.92 -4.04
C SER A 312 26.41 -42.69 -4.98
N SER A 313 27.24 -41.95 -5.72
CA SER A 313 28.13 -42.49 -6.72
C SER A 313 29.33 -43.22 -6.12
N LYS A 314 29.56 -43.06 -4.82
CA LYS A 314 30.60 -43.84 -4.15
C LYS A 314 30.09 -45.25 -3.90
N SER A 315 30.93 -46.24 -4.19
CA SER A 315 30.54 -47.66 -4.10
C SER A 315 29.88 -47.98 -2.75
N GLY A 316 28.83 -48.79 -2.82
CA GLY A 316 28.06 -49.14 -1.63
C GLY A 316 26.85 -48.24 -1.44
N ASN A 317 26.94 -47.00 -1.92
CA ASN A 317 25.86 -46.03 -1.76
C ASN A 317 24.89 -46.00 -2.95
N GLU A 318 24.98 -47.02 -3.80
CA GLU A 318 24.18 -47.09 -5.04
C GLU A 318 22.70 -46.83 -4.84
N ALA A 319 22.15 -47.42 -3.76
CA ALA A 319 20.73 -47.36 -3.48
C ALA A 319 20.26 -45.93 -3.27
N PHE A 320 21.15 -45.09 -2.75
CA PHE A 320 20.83 -43.73 -2.33
C PHE A 320 20.89 -42.72 -3.48
N ALA A 321 20.65 -43.21 -4.69
CA ALA A 321 20.63 -42.38 -5.88
C ALA A 321 19.21 -42.38 -6.40
N GLY A 322 18.79 -41.25 -6.97
CA GLY A 322 17.48 -41.15 -7.58
C GLY A 322 16.36 -41.28 -6.58
N GLN A 323 16.64 -40.97 -5.31
CA GLN A 323 15.65 -41.12 -4.25
C GLN A 323 15.18 -39.79 -3.70
N GLY A 324 15.97 -38.75 -3.89
CA GLY A 324 15.63 -37.42 -3.39
C GLY A 324 14.38 -36.79 -3.94
N ASN A 325 13.70 -36.01 -3.10
CA ASN A 325 12.60 -35.16 -3.49
C ASN A 325 13.12 -33.78 -3.79
N HIS A 326 12.24 -32.87 -4.22
CA HIS A 326 12.58 -31.46 -4.24
C HIS A 326 12.35 -30.89 -2.84
N ASN A 327 12.57 -31.72 -1.82
CA ASN A 327 12.43 -31.34 -0.40
C ASN A 327 13.01 -32.41 0.49
N LEU A 328 13.23 -32.08 1.75
CA LEU A 328 13.67 -33.10 2.70
C LEU A 328 13.05 -32.88 4.09
N SER A 329 13.20 -33.87 4.96
CA SER A 329 12.81 -33.71 6.35
C SER A 329 13.96 -34.12 7.24
N ILE A 330 14.03 -33.49 8.40
CA ILE A 330 15.11 -33.72 9.34
C ILE A 330 14.52 -34.08 10.68
N ALA A 331 14.83 -35.28 11.18
CA ALA A 331 14.24 -35.74 12.42
C ALA A 331 15.01 -36.87 13.09
N ASP A 332 14.80 -37.03 14.39
CA ASP A 332 15.36 -38.14 15.10
C ASP A 332 14.40 -39.30 14.96
N VAL A 333 14.74 -40.23 14.07
CA VAL A 333 13.82 -41.33 13.72
C VAL A 333 14.14 -42.63 14.45
N ASP A 334 15.39 -42.76 14.91
CA ASP A 334 15.83 -43.97 15.61
C ASP A 334 15.91 -43.76 17.11
N GLY A 335 15.32 -42.66 17.59
CA GLY A 335 15.23 -42.36 19.01
C GLY A 335 16.58 -42.18 19.70
N ASP A 336 17.63 -42.01 18.91
CA ASP A 336 18.96 -41.83 19.48
C ASP A 336 19.28 -40.35 19.79
N GLY A 337 18.30 -39.46 19.57
CA GLY A 337 18.44 -38.04 19.91
C GLY A 337 19.20 -37.20 18.89
N LYS A 338 19.92 -37.84 17.99
CA LYS A 338 20.55 -37.16 16.86
C LYS A 338 19.54 -37.12 15.70
N ASP A 339 19.63 -36.12 14.83
CA ASP A 339 18.74 -36.04 13.67
C ASP A 339 19.26 -36.86 12.51
N GLU A 340 18.33 -37.57 11.85
CA GLU A 340 18.59 -38.15 10.54
C GLU A 340 17.95 -37.28 9.47
N ILE A 341 18.19 -37.63 8.23
CA ILE A 341 17.71 -36.85 7.12
C ILE A 341 16.80 -37.69 6.27
N ILE A 342 15.50 -37.42 6.32
CA ILE A 342 14.58 -38.04 5.39
C ILE A 342 14.79 -37.35 4.06
N PHE A 343 15.39 -38.07 3.11
CA PHE A 343 15.78 -37.49 1.85
C PHE A 343 14.95 -38.13 0.76
N GLY A 344 13.65 -37.82 0.77
CA GLY A 344 12.71 -38.45 -0.10
C GLY A 344 12.57 -39.92 0.25
N SER A 345 12.94 -40.78 -0.68
CA SER A 345 12.77 -42.23 -0.51
C SER A 345 13.91 -42.90 0.24
N MET A 346 14.90 -42.12 0.65
CA MET A 346 16.02 -42.62 1.40
C MET A 346 16.21 -41.83 2.68
N ALA A 347 16.98 -42.38 3.61
CA ALA A 347 17.29 -41.69 4.84
C ALA A 347 18.77 -41.77 5.09
N VAL A 348 19.33 -40.62 5.44
CA VAL A 348 20.72 -40.53 5.80
C VAL A 348 20.78 -40.43 7.32
N ASP A 349 21.66 -41.23 7.92
CA ASP A 349 21.85 -41.28 9.36
C ASP A 349 22.63 -40.05 9.81
N HIS A 350 22.56 -39.76 11.10
CA HIS A 350 23.20 -38.58 11.70
C HIS A 350 24.72 -38.46 11.45
N ASP A 351 25.34 -39.58 11.10
CA ASP A 351 26.77 -39.63 10.80
C ASP A 351 27.03 -39.68 9.30
N GLY A 352 25.96 -39.58 8.52
CA GLY A 352 26.07 -39.54 7.07
C GLY A 352 26.01 -40.89 6.36
N LYS A 353 25.66 -41.95 7.08
CA LYS A 353 25.45 -43.26 6.47
C LYS A 353 24.02 -43.34 5.92
N GLY A 354 23.88 -43.94 4.74
CA GLY A 354 22.55 -44.16 4.19
C GLY A 354 21.89 -45.26 5.00
N MET A 355 20.74 -44.96 5.56
CA MET A 355 20.08 -45.94 6.41
C MET A 355 19.32 -46.95 5.59
N TYR A 356 18.50 -46.44 4.68
CA TYR A 356 17.68 -47.27 3.83
C TYR A 356 17.29 -46.50 2.60
N SER A 357 16.96 -47.23 1.56
CA SER A 357 16.26 -46.68 0.43
C SER A 357 15.04 -47.54 0.21
N THR A 358 13.88 -46.90 0.09
CA THR A 358 12.66 -47.61 -0.28
C THR A 358 12.74 -48.02 -1.76
N GLY A 359 13.68 -47.41 -2.47
CA GLY A 359 13.88 -47.67 -3.91
C GLY A 359 12.77 -47.09 -4.78
N LEU A 360 11.77 -46.48 -4.12
CA LEU A 360 10.62 -45.90 -4.80
C LEU A 360 10.92 -44.56 -5.50
N GLY A 361 12.11 -44.02 -5.27
CA GLY A 361 12.60 -42.88 -6.04
C GLY A 361 12.03 -41.50 -5.74
N HIS A 362 12.24 -40.62 -6.70
CA HIS A 362 11.92 -39.21 -6.58
C HIS A 362 10.44 -38.87 -6.40
N GLY A 363 10.17 -37.85 -5.60
CA GLY A 363 8.81 -37.33 -5.43
C GLY A 363 8.84 -35.84 -5.19
N ASP A 364 7.66 -35.22 -5.22
CA ASP A 364 7.55 -33.75 -5.06
C ASP A 364 7.10 -33.31 -3.70
N ALA A 365 6.67 -34.27 -2.88
CA ALA A 365 6.16 -33.95 -1.55
C ALA A 365 6.60 -34.99 -0.51
N LEU A 366 7.01 -34.52 0.65
CA LEU A 366 7.50 -35.39 1.71
C LEU A 366 6.96 -34.94 3.06
N HIS A 367 6.56 -35.91 3.87
CA HIS A 367 5.99 -35.62 5.18
C HIS A 367 6.51 -36.60 6.22
N THR A 368 7.27 -36.05 7.16
CA THR A 368 7.85 -36.84 8.23
C THR A 368 7.35 -36.28 9.54
N GLY A 369 6.74 -37.17 10.32
CA GLY A 369 6.23 -36.83 11.66
C GLY A 369 5.62 -38.04 12.31
N ASP A 370 4.99 -37.84 13.45
CA ASP A 370 4.33 -38.94 14.11
C ASP A 370 2.98 -39.06 13.46
N LEU A 371 2.99 -39.70 12.30
CA LEU A 371 1.82 -39.79 11.46
C LEU A 371 0.90 -40.87 12.01
N ASP A 372 1.49 -41.86 12.67
CA ASP A 372 0.73 -42.92 13.32
C ASP A 372 1.13 -43.07 14.78
N PRO A 373 0.42 -42.37 15.69
CA PRO A 373 0.75 -42.37 17.10
C PRO A 373 0.73 -43.75 17.73
N GLY A 374 -0.11 -44.63 17.20
CA GLY A 374 -0.25 -45.99 17.73
C GLY A 374 0.92 -46.88 17.36
N ARG A 375 1.92 -46.30 16.72
CA ARG A 375 3.14 -46.99 16.35
C ARG A 375 4.30 -46.15 16.83
N PRO A 376 5.15 -46.72 17.70
CA PRO A 376 6.29 -45.94 18.18
C PRO A 376 7.20 -45.55 17.03
N GLY A 377 7.77 -44.36 17.11
CA GLY A 377 8.66 -43.87 16.07
C GLY A 377 7.92 -43.04 15.05
N LEU A 378 8.67 -42.52 14.09
CA LEU A 378 8.12 -41.61 13.11
C LEU A 378 7.75 -42.34 11.82
N GLU A 379 6.74 -41.83 11.13
CA GLU A 379 6.38 -42.36 9.82
C GLU A 379 6.70 -41.32 8.79
N VAL A 380 7.00 -41.77 7.58
CA VAL A 380 7.18 -40.86 6.46
C VAL A 380 6.09 -41.14 5.44
N PHE A 381 5.31 -40.11 5.14
CA PHE A 381 4.45 -40.17 3.96
C PHE A 381 5.12 -39.46 2.79
N GLN A 382 5.12 -40.12 1.65
CA GLN A 382 5.84 -39.63 0.52
C GLN A 382 5.06 -39.98 -0.73
N VAL A 383 5.05 -39.04 -1.67
CA VAL A 383 4.50 -39.29 -2.98
C VAL A 383 5.65 -39.40 -3.98
N HIS A 384 5.40 -40.05 -5.11
CA HIS A 384 6.46 -40.41 -6.03
C HIS A 384 6.14 -40.04 -7.45
N GLU A 385 7.17 -39.56 -8.14
CA GLU A 385 7.00 -38.97 -9.45
C GLU A 385 6.96 -40.00 -10.56
N ASP A 386 7.84 -40.99 -10.48
CA ASP A 386 7.98 -42.03 -11.48
C ASP A 386 6.71 -42.85 -11.60
N LYS A 387 6.16 -42.93 -12.81
CA LYS A 387 4.90 -43.66 -13.06
C LYS A 387 4.97 -45.17 -12.85
N ASN A 388 6.16 -45.76 -12.91
CA ASN A 388 6.30 -47.21 -12.71
C ASN A 388 6.72 -47.62 -11.31
N ALA A 389 6.74 -46.67 -10.39
CA ALA A 389 7.15 -46.97 -9.02
C ALA A 389 6.18 -47.97 -8.39
N LYS A 390 6.73 -48.90 -7.61
CA LYS A 390 5.96 -49.94 -6.92
C LYS A 390 4.74 -49.34 -6.26
N TYR A 391 4.92 -48.12 -5.74
CA TYR A 391 3.84 -47.32 -5.20
C TYR A 391 3.93 -45.90 -5.70
N GLY A 392 2.79 -45.23 -5.81
CA GLY A 392 2.76 -43.81 -6.07
C GLY A 392 2.85 -43.08 -4.75
N LEU A 393 2.17 -43.63 -3.74
CA LEU A 393 2.25 -43.09 -2.39
C LEU A 393 2.74 -44.19 -1.48
N SER A 394 3.74 -43.86 -0.68
CA SER A 394 4.28 -44.79 0.26
C SER A 394 4.15 -44.23 1.67
N PHE A 395 3.93 -45.13 2.60
CA PHE A 395 3.80 -44.78 4.00
C PHE A 395 4.69 -45.74 4.76
N ARG A 396 5.76 -45.20 5.35
CA ARG A 396 6.85 -46.04 5.82
C ARG A 396 7.32 -45.66 7.21
N ASP A 397 7.87 -46.65 7.90
CA ASP A 397 8.54 -46.47 9.17
C ASP A 397 9.74 -45.60 8.87
N ALA A 398 9.80 -44.42 9.48
CA ALA A 398 10.87 -43.47 9.19
C ALA A 398 12.22 -44.06 9.59
N ALA A 399 12.24 -44.93 10.59
CA ALA A 399 13.50 -45.47 11.10
C ALA A 399 14.07 -46.54 10.17
N THR A 400 13.22 -47.48 9.77
CA THR A 400 13.66 -48.69 9.07
C THR A 400 13.38 -48.61 7.60
N GLY A 401 12.43 -47.76 7.22
CA GLY A 401 12.05 -47.61 5.83
C GLY A 401 11.08 -48.67 5.36
N LYS A 402 10.85 -49.68 6.19
CA LYS A 402 9.91 -50.72 5.84
C LYS A 402 8.56 -50.07 5.57
N ILE A 403 8.01 -50.36 4.39
CA ILE A 403 6.74 -49.83 3.96
C ILE A 403 5.62 -50.45 4.78
N LEU A 404 4.95 -49.64 5.58
CA LEU A 404 3.80 -50.12 6.34
C LEU A 404 2.65 -50.34 5.38
N TRP A 405 2.51 -49.44 4.42
CA TRP A 405 1.62 -49.64 3.29
C TRP A 405 1.97 -48.64 2.20
N GLY A 406 1.66 -49.03 0.97
CA GLY A 406 1.71 -48.13 -0.15
C GLY A 406 0.55 -48.45 -1.07
N VAL A 407 0.24 -47.51 -1.93
CA VAL A 407 -0.78 -47.71 -2.94
C VAL A 407 -0.09 -47.46 -4.26
N TYR A 408 -0.24 -48.40 -5.18
CA TYR A 408 0.27 -48.20 -6.53
C TYR A 408 -0.57 -47.16 -7.24
N ALA A 409 0.10 -46.20 -7.87
CA ALA A 409 -0.59 -45.11 -8.55
C ALA A 409 -0.59 -45.31 -10.07
N GLY A 410 0.58 -45.60 -10.62
CA GLY A 410 0.70 -45.79 -12.05
C GLY A 410 1.11 -44.53 -12.79
N LYS A 411 0.93 -43.38 -12.14
CA LYS A 411 1.30 -42.08 -12.71
C LYS A 411 2.13 -41.19 -11.78
N ASP A 412 2.51 -40.02 -12.28
CA ASP A 412 3.17 -39.00 -11.50
C ASP A 412 2.19 -38.47 -10.49
N VAL A 413 2.32 -38.92 -9.24
CA VAL A 413 1.56 -38.35 -8.14
C VAL A 413 2.41 -37.23 -7.58
N GLY A 414 2.04 -36.01 -7.94
CA GLY A 414 2.89 -34.86 -7.74
C GLY A 414 2.66 -34.09 -6.47
N ARG A 415 1.67 -34.49 -5.68
CA ARG A 415 1.40 -33.85 -4.38
C ARG A 415 0.93 -34.87 -3.36
N GLY A 416 1.36 -34.67 -2.11
CA GLY A 416 0.98 -35.54 -1.01
C GLY A 416 0.86 -34.69 0.23
N MET A 417 0.00 -35.11 1.14
CA MET A 417 -0.19 -34.39 2.38
C MET A 417 -0.41 -35.36 3.52
N ALA A 418 0.22 -35.07 4.66
CA ALA A 418 -0.10 -35.73 5.90
C ALA A 418 -0.68 -34.69 6.86
N ALA A 419 -1.73 -35.04 7.58
CA ALA A 419 -2.25 -34.20 8.64
C ALA A 419 -3.48 -34.83 9.28
N ASP A 420 -3.58 -34.62 10.60
CA ASP A 420 -4.73 -35.05 11.34
C ASP A 420 -5.85 -34.14 10.91
N ILE A 421 -6.70 -34.62 10.01
CA ILE A 421 -7.83 -33.86 9.53
C ILE A 421 -9.11 -34.58 9.87
N ASP A 422 -8.96 -35.83 10.32
CA ASP A 422 -10.06 -36.73 10.64
C ASP A 422 -9.78 -37.45 11.96
N PRO A 423 -10.53 -37.09 13.03
CA PRO A 423 -10.37 -37.64 14.38
C PRO A 423 -11.00 -39.02 14.53
N ARG A 424 -11.72 -39.46 13.50
CA ARG A 424 -12.35 -40.79 13.46
C ARG A 424 -11.31 -41.88 13.32
N TYR A 425 -10.09 -41.48 13.00
CA TYR A 425 -8.98 -42.39 12.79
C TYR A 425 -7.78 -41.87 13.55
N PRO A 426 -7.29 -42.64 14.52
CA PRO A 426 -6.11 -42.19 15.26
C PRO A 426 -4.91 -41.91 14.35
N GLY A 427 -4.32 -40.73 14.54
CA GLY A 427 -3.14 -40.34 13.78
C GLY A 427 -3.39 -39.35 12.66
N GLN A 428 -2.34 -39.08 11.90
CA GLN A 428 -2.42 -38.17 10.77
C GLN A 428 -2.90 -38.93 9.54
N GLU A 429 -3.93 -38.37 8.89
CA GLU A 429 -4.36 -38.85 7.59
C GLU A 429 -3.39 -38.38 6.52
N VAL A 430 -3.27 -39.19 5.48
CA VAL A 430 -2.45 -38.84 4.34
C VAL A 430 -3.37 -38.81 3.12
N TRP A 431 -3.10 -37.91 2.19
CA TRP A 431 -3.84 -37.88 0.94
C TRP A 431 -2.99 -37.52 -0.27
N ALA A 432 -3.15 -38.32 -1.31
CA ALA A 432 -2.54 -38.10 -2.59
C ALA A 432 -3.35 -38.87 -3.61
N ASN A 433 -3.45 -38.31 -4.82
CA ASN A 433 -3.98 -39.04 -5.96
C ASN A 433 -5.46 -39.33 -5.79
N GLY A 434 -6.20 -38.32 -5.34
CA GLY A 434 -7.67 -38.39 -5.19
C GLY A 434 -8.23 -39.28 -4.10
N SER A 435 -7.35 -39.81 -3.24
CA SER A 435 -7.74 -40.63 -2.10
C SER A 435 -7.06 -40.16 -0.83
N LEU A 436 -7.85 -40.13 0.24
CA LEU A 436 -7.41 -39.81 1.58
C LEU A 436 -7.34 -41.12 2.33
N TYR A 437 -6.25 -41.34 3.08
CA TYR A 437 -6.06 -42.59 3.82
C TYR A 437 -5.80 -42.35 5.29
N SER A 438 -6.11 -43.37 6.11
CA SER A 438 -5.70 -43.36 7.49
C SER A 438 -4.21 -43.70 7.56
N ALA A 439 -3.60 -43.42 8.70
CA ALA A 439 -2.22 -43.80 8.94
C ALA A 439 -2.02 -45.28 8.66
N LYS A 440 -3.10 -46.05 8.83
CA LYS A 440 -3.06 -47.50 8.70
C LYS A 440 -3.21 -47.92 7.26
N GLY A 441 -3.74 -47.02 6.44
CA GLY A 441 -3.81 -47.23 5.00
C GLY A 441 -5.21 -47.48 4.51
N VAL A 442 -6.16 -47.39 5.43
CA VAL A 442 -7.55 -47.60 5.08
C VAL A 442 -8.05 -46.33 4.38
N LYS A 443 -8.51 -46.49 3.14
CA LYS A 443 -9.08 -45.38 2.38
C LYS A 443 -10.30 -44.83 3.12
N ILE A 444 -10.28 -43.54 3.42
CA ILE A 444 -11.38 -42.91 4.12
C ILE A 444 -12.39 -42.34 3.12
N GLY A 445 -13.56 -42.98 3.06
CA GLY A 445 -14.61 -42.62 2.11
C GLY A 445 -14.05 -42.29 0.75
N SER A 446 -14.66 -41.29 0.11
CA SER A 446 -14.17 -40.76 -1.15
C SER A 446 -14.07 -39.24 -1.07
N GLY A 447 -13.07 -38.68 -1.74
CA GLY A 447 -12.81 -37.25 -1.61
C GLY A 447 -11.52 -36.94 -0.86
N VAL A 448 -10.99 -35.77 -1.15
CA VAL A 448 -9.76 -35.29 -0.52
C VAL A 448 -9.94 -33.80 -0.24
N PRO A 449 -9.06 -33.22 0.61
CA PRO A 449 -9.04 -31.77 0.78
C PRO A 449 -8.72 -31.07 -0.53
N SER A 450 -9.37 -29.94 -0.78
CA SER A 450 -9.21 -29.17 -2.02
C SER A 450 -7.77 -28.73 -2.34
N SER A 451 -6.89 -28.80 -1.34
CA SER A 451 -5.46 -28.61 -1.54
C SER A 451 -4.63 -29.80 -1.08
N THR A 452 -3.49 -29.98 -1.73
CA THR A 452 -2.50 -30.96 -1.32
C THR A 452 -1.20 -30.21 -1.32
N ASN A 453 -1.13 -29.23 -0.43
CA ASN A 453 0.00 -28.33 -0.33
C ASN A 453 0.55 -28.30 1.09
N PHE A 454 0.12 -27.32 1.88
CA PHE A 454 0.53 -27.17 3.26
C PHE A 454 -0.58 -27.59 4.21
N GLY A 455 -0.17 -28.02 5.39
CA GLY A 455 -1.04 -28.12 6.54
C GLY A 455 -0.64 -27.01 7.50
N ILE A 456 -1.61 -26.42 8.17
CA ILE A 456 -1.32 -25.36 9.13
C ILE A 456 -2.23 -25.48 10.33
N TRP A 457 -1.65 -25.39 11.52
CA TRP A 457 -2.45 -25.35 12.72
C TRP A 457 -2.95 -23.92 12.88
N TRP A 458 -4.18 -23.67 12.43
CA TRP A 458 -4.70 -22.31 12.31
C TRP A 458 -5.85 -21.98 13.28
N ASP A 459 -6.78 -22.89 13.45
CA ASP A 459 -7.87 -22.65 14.40
C ASP A 459 -7.51 -23.27 15.74
N GLY A 460 -8.53 -23.47 16.57
CA GLY A 460 -8.38 -23.86 17.97
C GLY A 460 -8.20 -25.34 18.27
N ASP A 461 -8.58 -26.21 17.33
CA ASP A 461 -8.51 -27.64 17.63
C ASP A 461 -7.14 -28.25 17.31
N LEU A 462 -6.98 -29.53 17.56
CA LEU A 462 -5.69 -30.16 17.33
C LEU A 462 -5.59 -30.73 15.91
N LEU A 463 -6.70 -30.71 15.18
CA LEU A 463 -6.66 -31.08 13.77
C LEU A 463 -5.86 -30.05 13.02
N ARG A 464 -5.11 -30.47 12.01
CA ARG A 464 -4.41 -29.52 11.19
C ARG A 464 -5.31 -29.05 10.05
N GLU A 465 -5.21 -27.77 9.70
CA GLU A 465 -5.91 -27.22 8.55
C GLU A 465 -5.05 -27.31 7.31
N GLN A 466 -5.61 -26.89 6.18
CA GLN A 466 -4.86 -26.85 4.94
C GLN A 466 -4.56 -25.41 4.52
N LEU A 467 -3.37 -25.22 3.95
CA LEU A 467 -2.98 -23.95 3.37
C LEU A 467 -2.55 -24.17 1.94
N ASP A 468 -3.04 -23.26 1.08
CA ASP A 468 -2.73 -23.27 -0.32
C ASP A 468 -3.03 -21.88 -0.87
N SER A 469 -2.18 -21.38 -1.76
CA SER A 469 -2.35 -20.05 -2.34
C SER A 469 -2.41 -19.01 -1.22
N ASN A 470 -3.43 -18.16 -1.24
CA ASN A 470 -3.64 -17.22 -0.16
C ASN A 470 -4.78 -17.71 0.72
N ARG A 471 -4.95 -19.03 0.75
CA ARG A 471 -6.06 -19.64 1.45
C ARG A 471 -5.62 -20.57 2.55
N ILE A 472 -6.38 -20.54 3.64
CA ILE A 472 -6.33 -21.57 4.64
C ILE A 472 -7.69 -22.25 4.63
N ASP A 473 -7.68 -23.56 4.46
CA ASP A 473 -8.92 -24.32 4.42
C ASP A 473 -8.98 -25.29 5.59
N LYS A 474 -10.19 -25.73 5.91
CA LYS A 474 -10.40 -26.72 6.95
C LYS A 474 -11.13 -27.89 6.33
N TRP A 475 -10.72 -29.11 6.70
CA TRP A 475 -11.36 -30.31 6.19
C TRP A 475 -12.55 -30.69 7.04
N ASP A 476 -13.72 -30.73 6.40
CA ASP A 476 -14.94 -31.25 7.00
C ASP A 476 -14.94 -32.78 6.87
N TYR A 477 -14.33 -33.45 7.84
CA TYR A 477 -14.13 -34.90 7.80
C TYR A 477 -15.42 -35.71 7.76
N GLN A 478 -16.47 -35.20 8.41
CA GLN A 478 -17.79 -35.83 8.38
C GLN A 478 -18.45 -35.73 7.01
N ASN A 479 -18.35 -34.56 6.37
CA ASN A 479 -18.99 -34.36 5.07
C ASN A 479 -18.09 -34.67 3.88
N GLY A 480 -16.80 -34.86 4.12
CA GLY A 480 -15.84 -35.11 3.05
C GLY A 480 -15.58 -33.95 2.10
N VAL A 481 -15.64 -32.72 2.61
CA VAL A 481 -15.42 -31.53 1.78
C VAL A 481 -14.52 -30.51 2.49
N SER A 482 -13.73 -29.77 1.71
CA SER A 482 -12.93 -28.67 2.26
C SER A 482 -13.73 -27.36 2.37
N LYS A 483 -13.54 -26.66 3.49
CA LYS A 483 -14.19 -25.38 3.77
C LYS A 483 -13.12 -24.31 3.91
N ASN A 484 -13.31 -23.16 3.29
CA ASN A 484 -12.38 -22.07 3.47
C ASN A 484 -12.49 -21.38 4.83
N MET A 485 -11.33 -21.09 5.41
CA MET A 485 -11.23 -20.36 6.66
C MET A 485 -10.68 -18.96 6.45
N LEU A 486 -9.72 -18.84 5.54
CA LEU A 486 -9.17 -17.54 5.22
C LEU A 486 -8.76 -17.46 3.77
N THR A 487 -9.15 -16.36 3.15
CA THR A 487 -8.60 -15.91 1.89
C THR A 487 -7.93 -14.56 2.15
N ALA A 488 -6.61 -14.54 2.06
CA ALA A 488 -5.87 -13.32 2.34
C ALA A 488 -5.87 -12.41 1.12
N SER A 489 -6.81 -11.49 1.08
CA SER A 489 -7.00 -10.66 -0.11
C SER A 489 -6.00 -9.54 -0.25
N GLY A 490 -5.35 -9.47 -1.41
CA GLY A 490 -4.31 -8.47 -1.67
C GLY A 490 -2.95 -9.07 -1.44
N ALA A 491 -2.96 -10.24 -0.80
CA ALA A 491 -1.79 -11.08 -0.61
C ALA A 491 -1.81 -12.12 -1.70
N ALA A 492 -0.63 -12.65 -2.03
CA ALA A 492 -0.50 -13.73 -3.00
C ALA A 492 0.61 -14.67 -2.58
N ALA A 493 0.47 -15.93 -3.00
CA ALA A 493 1.47 -16.94 -2.77
C ALA A 493 2.49 -16.83 -3.87
N ASN A 494 3.49 -17.70 -3.86
CA ASN A 494 4.61 -17.58 -4.79
C ASN A 494 4.83 -18.88 -5.51
N ASN A 495 5.86 -18.91 -6.34
CA ASN A 495 6.33 -20.14 -6.96
C ASN A 495 5.32 -20.76 -7.91
N GLY A 496 4.51 -19.89 -8.53
CA GLY A 496 3.54 -20.31 -9.54
C GLY A 496 2.49 -21.21 -8.94
N THR A 497 2.37 -22.41 -9.49
CA THR A 497 1.33 -23.37 -9.08
C THR A 497 1.66 -24.13 -7.80
N LYS A 498 2.92 -24.02 -7.33
CA LYS A 498 3.28 -24.51 -6.01
C LYS A 498 2.54 -23.70 -4.97
N ALA A 499 2.30 -22.42 -5.30
CA ALA A 499 1.47 -21.53 -4.50
C ALA A 499 1.77 -21.65 -3.02
N THR A 500 3.01 -21.31 -2.66
CA THR A 500 3.50 -21.41 -1.30
C THR A 500 3.44 -20.04 -0.66
N PRO A 501 3.27 -20.00 0.68
CA PRO A 501 3.29 -18.69 1.31
C PRO A 501 4.73 -18.25 1.34
N THR A 502 4.97 -16.97 1.60
CA THR A 502 6.35 -16.51 1.81
C THR A 502 6.90 -17.31 3.00
N LEU A 503 6.12 -17.43 4.06
CA LEU A 503 6.46 -18.32 5.14
C LEU A 503 5.24 -18.73 5.90
N GLN A 504 5.27 -19.96 6.40
CA GLN A 504 4.34 -20.41 7.39
C GLN A 504 5.13 -20.84 8.61
N ALA A 505 4.82 -20.25 9.77
CA ALA A 505 5.54 -20.57 10.99
C ALA A 505 4.85 -20.03 12.21
N ASP A 506 4.97 -20.77 13.30
CA ASP A 506 4.64 -20.24 14.59
C ASP A 506 5.77 -19.30 14.97
N LEU A 507 5.61 -18.03 14.67
CA LEU A 507 6.66 -17.05 14.95
C LEU A 507 6.21 -15.88 15.86
N LEU A 508 4.94 -15.88 16.24
CA LEU A 508 4.43 -14.96 17.27
C LEU A 508 3.35 -15.69 18.01
N GLY A 509 2.94 -15.16 19.15
CA GLY A 509 1.80 -15.73 19.88
C GLY A 509 1.88 -17.20 20.20
N ASP A 510 0.72 -17.81 20.41
CA ASP A 510 0.63 -19.21 20.81
C ASP A 510 0.95 -20.19 19.69
N TRP A 511 0.71 -21.48 19.95
CA TRP A 511 1.21 -22.58 19.14
C TRP A 511 0.69 -22.63 17.69
N ARG A 512 -0.43 -21.98 17.39
CA ARG A 512 -0.88 -21.87 16.00
C ARG A 512 0.17 -21.21 15.13
N GLU A 513 0.11 -21.47 13.82
CA GLU A 513 1.14 -20.98 12.94
C GLU A 513 0.72 -19.68 12.26
N GLU A 514 1.69 -18.80 12.05
CA GLU A 514 1.47 -17.61 11.27
C GLU A 514 1.77 -17.87 9.81
N VAL A 515 1.08 -17.16 8.92
CA VAL A 515 1.41 -17.17 7.52
C VAL A 515 1.97 -15.80 7.20
N VAL A 516 3.03 -15.80 6.39
CA VAL A 516 3.57 -14.57 5.84
C VAL A 516 3.35 -14.65 4.35
N TRP A 517 2.67 -13.66 3.80
CA TRP A 517 2.36 -13.59 2.37
C TRP A 517 2.72 -12.20 1.92
N ARG A 518 3.48 -12.11 0.84
CA ARG A 518 3.75 -10.82 0.20
C ARG A 518 2.46 -10.21 -0.32
N THR A 519 2.40 -8.88 -0.39
CA THR A 519 1.32 -8.23 -1.12
C THR A 519 1.53 -8.57 -2.59
N GLU A 520 0.50 -8.35 -3.40
CA GLU A 520 0.58 -8.64 -4.82
C GLU A 520 1.77 -7.92 -5.44
N ASP A 521 1.93 -6.64 -5.10
CA ASP A 521 2.99 -5.82 -5.67
C ASP A 521 4.31 -5.91 -4.88
N SER A 522 4.40 -6.87 -3.96
CA SER A 522 5.63 -7.13 -3.21
C SER A 522 6.22 -5.88 -2.58
N SER A 523 5.36 -4.92 -2.28
CA SER A 523 5.79 -3.72 -1.57
C SER A 523 5.77 -4.00 -0.08
N ALA A 524 5.16 -5.11 0.33
CA ALA A 524 5.09 -5.48 1.75
C ALA A 524 4.87 -6.97 1.98
N LEU A 525 5.29 -7.44 3.15
CA LEU A 525 4.98 -8.77 3.62
C LEU A 525 3.90 -8.64 4.69
N ARG A 526 2.96 -9.58 4.69
CA ARG A 526 1.85 -9.56 5.63
C ARG A 526 1.97 -10.74 6.54
N ILE A 527 2.09 -10.47 7.83
CA ILE A 527 2.16 -11.53 8.81
C ILE A 527 0.77 -11.72 9.40
N TYR A 528 0.15 -12.84 9.01
CA TYR A 528 -1.13 -13.23 9.56
C TYR A 528 -0.94 -14.15 10.74
N THR A 529 -1.51 -13.76 11.89
CA THR A 529 -1.61 -14.65 13.02
C THR A 529 -3.09 -14.88 13.30
N THR A 530 -3.42 -16.07 13.76
CA THR A 530 -4.80 -16.47 14.03
C THR A 530 -5.39 -15.72 15.22
N THR A 531 -6.70 -15.51 15.19
CA THR A 531 -7.39 -14.89 16.31
C THR A 531 -8.45 -15.83 16.85
N ILE A 532 -8.40 -17.07 16.39
CA ILE A 532 -9.30 -18.09 16.85
C ILE A 532 -8.75 -18.65 18.16
N PRO A 533 -9.51 -18.49 19.26
CA PRO A 533 -9.05 -18.96 20.57
C PRO A 533 -8.93 -20.48 20.65
N THR A 534 -8.03 -20.94 21.48
CA THR A 534 -7.85 -22.36 21.69
C THR A 534 -7.75 -22.62 23.18
N GLU A 535 -8.26 -23.76 23.63
CA GLU A 535 -8.16 -24.15 25.02
C GLU A 535 -6.88 -24.96 25.22
N HIS A 536 -6.14 -25.15 24.14
CA HIS A 536 -4.92 -25.90 24.21
C HIS A 536 -3.71 -25.00 24.39
N ARG A 537 -2.89 -25.36 25.37
CA ARG A 537 -1.58 -24.75 25.51
C ARG A 537 -0.53 -25.74 25.05
N LEU A 538 0.24 -25.31 24.06
CA LEU A 538 1.37 -26.09 23.59
C LEU A 538 2.58 -25.19 23.49
N TYR A 539 3.73 -25.77 23.80
CA TYR A 539 4.98 -25.08 23.64
C TYR A 539 5.09 -24.56 22.23
N THR A 540 5.60 -23.33 22.10
CA THR A 540 5.80 -22.74 20.80
C THR A 540 6.45 -23.77 19.91
N LEU A 541 5.84 -23.98 18.75
CA LEU A 541 6.29 -24.99 17.79
C LEU A 541 7.74 -24.77 17.42
N MET A 542 8.22 -23.53 17.56
CA MET A 542 9.62 -23.19 17.30
C MET A 542 10.57 -23.76 18.35
N HIS A 543 10.00 -24.39 19.39
CA HIS A 543 10.81 -25.09 20.40
C HIS A 543 10.62 -26.58 20.26
N ASP A 544 9.80 -26.99 19.29
CA ASP A 544 9.76 -28.40 18.94
C ASP A 544 10.96 -28.71 18.05
N PRO A 545 11.71 -29.77 18.41
CA PRO A 545 12.91 -30.15 17.66
C PRO A 545 12.67 -30.35 16.13
N VAL A 546 11.60 -31.05 15.76
CA VAL A 546 11.34 -31.34 14.33
C VAL A 546 10.74 -30.14 13.58
N TYR A 547 9.82 -29.43 14.23
CA TYR A 547 9.17 -28.28 13.63
C TYR A 547 10.12 -27.15 13.33
N ARG A 548 10.93 -26.78 14.33
CA ARG A 548 11.81 -25.66 14.18
C ARG A 548 12.72 -25.88 12.97
N LEU A 549 13.32 -27.08 12.90
CA LEU A 549 14.12 -27.46 11.74
C LEU A 549 13.29 -27.39 10.48
N GLY A 550 12.06 -27.89 10.55
CA GLY A 550 11.13 -27.75 9.44
C GLY A 550 11.02 -26.34 8.88
N ILE A 551 11.07 -25.34 9.74
CA ILE A 551 10.96 -23.95 9.30
C ILE A 551 12.23 -23.54 8.55
N ALA A 552 13.37 -24.00 9.05
CA ALA A 552 14.65 -23.76 8.41
C ALA A 552 14.65 -24.27 6.97
N TRP A 553 13.99 -25.40 6.73
CA TRP A 553 13.97 -25.99 5.39
C TRP A 553 12.72 -25.67 4.57
N GLN A 554 11.84 -24.83 5.10
CA GLN A 554 10.61 -24.52 4.39
C GLN A 554 10.89 -23.92 3.02
N ASN A 555 11.76 -22.92 2.96
CA ASN A 555 12.07 -22.25 1.71
C ASN A 555 12.66 -23.19 0.67
N ILE A 556 13.30 -24.26 1.08
CA ILE A 556 14.15 -24.98 0.12
C ILE A 556 13.30 -25.58 -0.98
N ALA A 557 13.81 -25.53 -2.20
CA ALA A 557 13.18 -26.14 -3.37
C ALA A 557 11.65 -26.03 -3.34
N TYR A 558 10.95 -27.16 -3.35
CA TYR A 558 9.51 -27.12 -3.26
C TYR A 558 9.04 -27.18 -1.83
N ASN A 559 8.65 -26.01 -1.34
CA ASN A 559 8.33 -25.79 0.05
C ASN A 559 7.32 -26.77 0.61
N GLN A 560 7.76 -27.51 1.63
CA GLN A 560 6.87 -28.39 2.37
C GLN A 560 6.45 -27.74 3.66
N PRO A 561 5.28 -28.14 4.19
CA PRO A 561 4.88 -27.66 5.51
C PRO A 561 5.72 -28.34 6.61
N PRO A 562 5.86 -27.66 7.76
CA PRO A 562 6.62 -28.18 8.90
C PRO A 562 5.80 -29.15 9.71
N HIS A 563 6.44 -30.19 10.26
CA HIS A 563 5.77 -31.14 11.13
C HIS A 563 6.37 -31.10 12.53
N THR A 564 5.65 -31.63 13.50
CA THR A 564 6.16 -31.66 14.85
C THR A 564 6.70 -33.05 15.15
N SER A 565 7.61 -33.11 16.12
CA SER A 565 8.29 -34.36 16.46
C SER A 565 7.29 -35.35 17.01
N PHE A 566 6.38 -34.84 17.84
CA PHE A 566 5.34 -35.63 18.49
C PHE A 566 4.04 -35.49 17.71
N PHE A 567 3.13 -36.44 17.90
CA PHE A 567 1.81 -36.34 17.30
C PHE A 567 1.02 -35.21 17.96
N LEU A 568 0.80 -34.16 17.19
CA LEU A 568 -0.04 -33.06 17.60
C LEU A 568 -1.31 -33.24 16.80
N GLY A 569 -2.37 -33.61 17.50
CA GLY A 569 -3.63 -33.94 16.85
C GLY A 569 -4.60 -34.58 17.81
N ASP A 570 -5.82 -34.84 17.35
CA ASP A 570 -6.89 -35.34 18.19
C ASP A 570 -6.44 -36.59 18.94
N GLY A 571 -6.56 -36.57 20.26
CA GLY A 571 -6.21 -37.72 21.09
C GLY A 571 -4.72 -37.87 21.29
N MET A 572 -3.96 -36.83 21.02
CA MET A 572 -2.54 -36.80 21.32
C MET A 572 -2.32 -36.97 22.82
N ALA A 573 -1.29 -37.72 23.18
CA ALA A 573 -0.82 -37.77 24.57
C ALA A 573 -0.28 -36.38 24.94
N GLU A 574 -0.47 -35.95 26.18
CA GLU A 574 0.06 -34.65 26.61
C GLU A 574 1.47 -34.53 26.09
N GLN A 575 1.77 -33.41 25.45
CA GLN A 575 3.04 -33.28 24.76
C GLN A 575 4.23 -33.27 25.71
N PRO A 576 5.35 -33.88 25.29
CA PRO A 576 6.56 -33.86 26.10
C PRO A 576 7.05 -32.41 26.29
N LYS A 577 7.52 -32.07 27.49
CA LYS A 577 8.25 -30.81 27.68
C LYS A 577 9.56 -30.89 26.88
N PRO A 578 9.80 -29.91 25.99
CA PRO A 578 10.99 -30.04 25.15
C PRO A 578 12.27 -30.07 25.97
N ASN A 579 13.15 -30.98 25.58
CA ASN A 579 14.45 -31.10 26.19
C ASN A 579 15.39 -30.15 25.47
N MET A 580 15.48 -28.92 25.97
CA MET A 580 16.21 -27.85 25.30
C MET A 580 16.95 -26.91 26.26
N TYR A 581 17.93 -26.18 25.72
CA TYR A 581 18.52 -25.01 26.36
C TYR A 581 18.67 -23.91 25.32
N THR A 582 18.66 -22.66 25.77
CA THR A 582 19.03 -21.53 24.93
C THR A 582 20.43 -21.07 25.33
N PRO A 583 21.10 -20.30 24.46
CA PRO A 583 22.33 -19.57 24.84
C PRO A 583 22.09 -18.45 25.88
N ALA B 1 -27.98 24.67 -23.46
CA ALA B 1 -27.95 23.32 -22.80
C ALA B 1 -26.50 22.85 -22.56
N ALA B 2 -25.72 22.74 -23.64
CA ALA B 2 -24.30 22.44 -23.58
C ALA B 2 -23.55 23.57 -22.89
N ARG B 3 -22.53 23.21 -22.11
CA ARG B 3 -21.72 24.20 -21.37
C ARG B 3 -20.39 24.50 -22.05
N GLN B 4 -19.97 25.75 -22.00
CA GLN B 4 -18.63 26.10 -22.44
C GLN B 4 -17.65 25.39 -21.51
N MET B 5 -16.74 24.60 -22.09
CA MET B 5 -15.69 23.93 -21.35
C MET B 5 -14.42 24.09 -22.18
N GLU B 6 -13.29 23.74 -21.61
CA GLU B 6 -12.03 24.00 -22.27
C GLU B 6 -11.68 22.98 -23.35
N ALA B 7 -11.21 23.50 -24.47
CA ALA B 7 -10.61 22.69 -25.51
C ALA B 7 -9.28 22.20 -24.98
N LEU B 8 -9.30 21.02 -24.36
CA LEU B 8 -8.08 20.49 -23.79
C LEU B 8 -7.38 19.60 -24.80
N ASN B 9 -6.05 19.55 -24.74
CA ASN B 9 -5.30 18.58 -25.53
C ASN B 9 -5.49 17.20 -24.89
N ARG B 10 -4.78 16.19 -25.40
CA ARG B 10 -4.91 14.83 -24.90
C ARG B 10 -4.45 14.68 -23.45
N GLY B 11 -3.67 15.65 -22.96
CA GLY B 11 -3.18 15.62 -21.59
C GLY B 11 -2.43 14.35 -21.30
N LEU B 12 -1.80 13.82 -22.34
CA LEU B 12 -0.99 12.62 -22.27
C LEU B 12 0.19 12.76 -21.28
N VAL B 13 0.28 11.83 -20.33
CA VAL B 13 1.44 11.72 -19.45
C VAL B 13 2.01 10.33 -19.53
N ALA B 14 3.31 10.24 -19.31
CA ALA B 14 3.99 8.98 -19.22
C ALA B 14 4.95 9.13 -18.06
N VAL B 15 4.89 8.19 -17.12
CA VAL B 15 5.67 8.29 -15.91
C VAL B 15 6.44 7.00 -15.74
N LYS B 16 7.71 7.13 -15.33
CA LYS B 16 8.54 5.97 -15.09
C LYS B 16 8.04 5.28 -13.85
N THR B 17 7.27 4.23 -14.04
CA THR B 17 6.86 3.37 -12.96
C THR B 17 7.96 2.32 -12.77
N ASP B 18 8.06 1.75 -11.58
CA ASP B 18 8.93 0.60 -11.43
C ASP B 18 8.18 -0.64 -11.89
N GLY B 19 8.53 -1.14 -13.08
CA GLY B 19 7.77 -2.21 -13.71
C GLY B 19 7.30 -1.83 -15.10
N GLY B 20 7.57 -0.59 -15.50
CA GLY B 20 7.22 -0.14 -16.85
C GLY B 20 7.05 1.36 -16.91
N ILE B 21 6.45 1.84 -18.00
CA ILE B 21 6.10 3.23 -18.10
C ILE B 21 4.60 3.31 -17.99
N PHE B 22 4.12 3.96 -16.94
CA PHE B 22 2.69 4.18 -16.79
C PHE B 22 2.32 5.34 -17.69
N VAL B 23 1.29 5.13 -18.51
CA VAL B 23 0.84 6.15 -19.44
C VAL B 23 -0.64 6.37 -19.25
N SER B 24 -1.05 7.59 -18.96
CA SER B 24 -2.47 7.88 -18.93
C SER B 24 -2.79 9.14 -19.70
N TRP B 25 -4.03 9.24 -20.17
CA TRP B 25 -4.45 10.38 -20.99
C TRP B 25 -5.92 10.66 -20.78
N ARG B 26 -6.32 11.88 -21.06
CA ARG B 26 -7.70 12.28 -20.85
C ARG B 26 -8.59 11.54 -21.83
N PHE B 27 -9.76 11.19 -21.33
CA PHE B 27 -10.88 10.80 -22.13
C PHE B 27 -11.70 12.10 -22.22
N LEU B 28 -11.60 12.78 -23.37
CA LEU B 28 -12.23 14.09 -23.53
C LEU B 28 -13.75 14.02 -23.59
N GLY B 29 -14.41 15.06 -23.07
CA GLY B 29 -15.87 15.17 -23.07
C GLY B 29 -16.46 15.35 -24.45
N THR B 30 -15.59 15.62 -25.42
CA THR B 30 -15.96 15.67 -26.83
C THR B 30 -16.10 14.25 -27.40
N GLU B 31 -15.43 13.29 -26.75
CA GLU B 31 -15.38 11.92 -27.23
C GLU B 31 -16.52 11.11 -26.63
N ASN B 32 -16.73 9.89 -27.13
CA ASN B 32 -17.77 9.02 -26.56
C ASN B 32 -17.36 7.55 -26.48
N ALA B 33 -18.28 6.73 -25.98
CA ALA B 33 -17.94 5.35 -25.58
C ALA B 33 -17.26 4.53 -26.68
N SER B 34 -17.63 4.79 -27.94
CA SER B 34 -17.02 4.13 -29.08
C SER B 34 -15.52 4.29 -29.02
N VAL B 35 -15.07 5.54 -29.04
CA VAL B 35 -13.64 5.89 -29.05
C VAL B 35 -12.78 4.93 -28.23
N LEU B 36 -11.88 4.22 -28.91
CA LEU B 36 -10.87 3.41 -28.28
C LEU B 36 -9.53 4.03 -28.63
N PHE B 37 -8.45 3.56 -28.02
CA PHE B 37 -7.15 4.19 -28.23
C PHE B 37 -6.08 3.19 -28.64
N ASN B 38 -5.14 3.66 -29.46
CA ASN B 38 -3.90 2.92 -29.63
C ASN B 38 -2.76 3.76 -29.07
N VAL B 39 -1.87 3.11 -28.33
CA VAL B 39 -0.74 3.80 -27.71
C VAL B 39 0.53 3.59 -28.54
N TYR B 40 1.23 4.69 -28.82
CA TYR B 40 2.46 4.65 -29.60
C TYR B 40 3.67 5.08 -28.78
N ARG B 41 4.64 4.20 -28.67
CA ARG B 41 5.94 4.53 -28.09
C ARG B 41 6.84 4.86 -29.26
N ASP B 42 7.04 6.17 -29.48
CA ASP B 42 7.88 6.66 -30.58
C ASP B 42 7.40 6.16 -31.95
N GLY B 43 6.10 6.32 -32.24
CA GLY B 43 5.52 5.93 -33.54
C GLY B 43 5.12 4.46 -33.68
N GLN B 44 5.44 3.67 -32.66
CA GLN B 44 5.12 2.24 -32.61
C GLN B 44 3.82 1.96 -31.85
N LYS B 45 2.79 1.48 -32.56
CA LYS B 45 1.55 0.99 -31.95
C LYS B 45 1.88 -0.17 -31.00
N LEU B 46 1.46 -0.05 -29.73
CA LEU B 46 1.85 -1.02 -28.67
C LEU B 46 0.79 -2.07 -28.36
N ASN B 47 -0.48 -1.66 -28.48
CA ASN B 47 -1.61 -2.55 -28.28
C ASN B 47 -1.99 -3.18 -29.62
N ALA B 48 -2.31 -4.48 -29.59
CA ALA B 48 -2.76 -5.18 -30.79
C ALA B 48 -4.06 -4.52 -31.26
N ALA B 49 -5.13 -4.73 -30.51
CA ALA B 49 -6.41 -4.10 -30.78
C ALA B 49 -6.57 -2.89 -29.85
N PRO B 50 -7.23 -1.82 -30.36
CA PRO B 50 -7.56 -0.62 -29.60
C PRO B 50 -7.94 -0.88 -28.16
N VAL B 51 -7.37 -0.11 -27.24
CA VAL B 51 -7.69 -0.25 -25.83
C VAL B 51 -8.89 0.60 -25.45
N LYS B 52 -9.64 0.10 -24.47
CA LYS B 52 -10.79 0.81 -23.91
C LYS B 52 -10.30 1.88 -22.94
N THR B 53 -9.57 1.45 -21.91
CA THR B 53 -9.15 2.32 -20.82
C THR B 53 -8.20 3.43 -21.28
N THR B 54 -8.04 4.46 -20.45
CA THR B 54 -7.22 5.63 -20.77
C THR B 54 -5.93 5.61 -19.98
N ASN B 55 -5.49 4.42 -19.64
CA ASN B 55 -4.22 4.23 -19.01
C ASN B 55 -3.64 2.92 -19.48
N TYR B 56 -2.32 2.87 -19.57
CA TYR B 56 -1.66 1.76 -20.16
C TYR B 56 -0.29 1.66 -19.55
N VAL B 57 0.02 0.47 -19.03
CA VAL B 57 1.37 0.17 -18.59
C VAL B 57 2.10 -0.33 -19.82
N ASP B 58 3.24 0.30 -20.09
CA ASP B 58 4.12 -0.15 -21.15
C ASP B 58 5.31 -0.82 -20.50
N LYS B 59 5.30 -2.16 -20.51
CA LYS B 59 6.32 -2.99 -19.88
C LYS B 59 7.69 -2.77 -20.50
N ASN B 60 7.73 -2.33 -21.75
CA ASN B 60 9.00 -2.25 -22.44
C ASN B 60 9.45 -0.82 -22.73
N GLY B 61 8.83 0.12 -22.03
CA GLY B 61 9.13 1.54 -22.18
C GLY B 61 10.43 1.98 -21.55
N SER B 62 10.81 3.22 -21.84
CA SER B 62 12.11 3.77 -21.46
C SER B 62 11.97 5.26 -21.10
N ALA B 63 12.77 5.73 -20.14
CA ALA B 63 12.81 7.16 -19.78
C ALA B 63 12.98 8.10 -21.00
N GLY B 64 13.69 7.62 -22.03
CA GLY B 64 13.91 8.38 -23.26
C GLY B 64 12.77 8.24 -24.27
N SER B 65 11.81 7.38 -23.98
CA SER B 65 10.69 7.18 -24.88
C SER B 65 9.78 8.40 -24.90
N THR B 66 9.16 8.61 -26.05
CA THR B 66 8.16 9.65 -26.16
C THR B 66 6.89 8.99 -26.66
N TYR B 67 5.80 9.24 -25.95
CA TYR B 67 4.54 8.59 -26.29
C TYR B 67 3.60 9.47 -27.08
N THR B 68 2.86 8.84 -27.97
CA THR B 68 1.72 9.46 -28.61
C THR B 68 0.57 8.48 -28.47
N VAL B 69 -0.63 9.03 -28.42
CA VAL B 69 -1.80 8.21 -28.34
C VAL B 69 -2.71 8.67 -29.47
N ARG B 70 -3.38 7.72 -30.11
CA ARG B 70 -4.31 8.06 -31.18
C ARG B 70 -5.69 7.52 -30.89
N ALA B 71 -6.65 8.44 -30.95
CA ALA B 71 -8.03 8.09 -30.87
C ALA B 71 -8.39 7.20 -32.07
N VAL B 72 -9.19 6.18 -31.80
CA VAL B 72 -9.73 5.34 -32.83
C VAL B 72 -11.25 5.46 -32.70
N VAL B 73 -11.80 6.43 -33.42
CA VAL B 73 -13.26 6.63 -33.44
C VAL B 73 -13.88 5.87 -34.62
N ASN B 74 -15.03 5.24 -34.34
CA ASN B 74 -15.84 4.54 -35.36
C ASN B 74 -15.00 3.81 -36.43
N GLY B 75 -13.93 3.15 -36.00
CA GLY B 75 -13.08 2.33 -36.88
C GLY B 75 -11.79 2.97 -37.36
N THR B 76 -11.84 4.27 -37.69
CA THR B 76 -10.66 4.97 -38.21
C THR B 76 -9.72 5.51 -37.13
N GLU B 77 -8.43 5.57 -37.42
CA GLU B 77 -7.47 6.18 -36.51
C GLU B 77 -7.56 7.72 -36.61
N GLN B 78 -7.06 8.41 -35.60
CA GLN B 78 -7.17 9.86 -35.55
C GLN B 78 -5.80 10.53 -35.56
N PRO B 79 -5.77 11.85 -35.80
CA PRO B 79 -4.51 12.59 -35.72
C PRO B 79 -3.89 12.46 -34.33
N ALA B 80 -2.61 12.08 -34.29
CA ALA B 80 -1.89 11.82 -33.05
C ALA B 80 -1.93 13.00 -32.10
N SER B 81 -1.90 12.67 -30.81
CA SER B 81 -1.80 13.64 -29.74
C SER B 81 -0.39 14.25 -29.75
N GLU B 82 -0.25 15.43 -29.15
CA GLU B 82 1.06 16.00 -28.84
C GLU B 82 1.89 14.89 -28.20
N LYS B 83 3.13 14.73 -28.65
CA LYS B 83 3.95 13.73 -27.98
C LYS B 83 4.19 14.13 -26.52
N ALA B 84 4.33 13.13 -25.67
CA ALA B 84 4.66 13.33 -24.28
C ALA B 84 5.92 12.56 -24.02
N SER B 85 6.77 13.11 -23.17
CA SER B 85 7.97 12.42 -22.77
C SER B 85 7.82 11.89 -21.36
N VAL B 86 8.45 10.76 -21.09
CA VAL B 86 8.43 10.13 -19.79
C VAL B 86 8.96 11.07 -18.70
N TRP B 87 8.19 11.18 -17.61
CA TRP B 87 8.66 11.83 -16.40
C TRP B 87 9.61 10.89 -15.66
N ALA B 88 10.81 11.38 -15.35
CA ALA B 88 11.80 10.59 -14.60
C ALA B 88 11.27 10.29 -13.20
N GLN B 89 10.65 11.30 -12.60
CA GLN B 89 10.06 11.18 -11.26
C GLN B 89 8.57 10.84 -11.28
N PRO B 90 8.03 10.31 -10.15
CA PRO B 90 6.58 10.15 -10.03
C PRO B 90 5.89 11.52 -9.89
N TYR B 91 6.64 12.59 -10.14
CA TYR B 91 6.11 13.95 -10.24
C TYR B 91 6.81 14.77 -11.31
N HIS B 92 6.17 15.89 -11.70
CA HIS B 92 6.77 16.89 -12.57
C HIS B 92 7.09 18.16 -11.77
N SER B 93 8.23 18.80 -12.05
CA SER B 93 8.56 20.06 -11.39
C SER B 93 8.38 21.25 -12.31
N VAL B 94 7.54 22.19 -11.88
CA VAL B 94 7.48 23.50 -12.51
C VAL B 94 8.37 24.41 -11.68
N PRO B 95 9.49 24.87 -12.27
CA PRO B 95 10.34 25.81 -11.54
C PRO B 95 9.67 27.18 -11.41
N LEU B 96 9.83 27.80 -10.24
CA LEU B 96 9.19 29.07 -9.97
C LEU B 96 10.20 30.20 -9.92
N ASP B 97 9.76 31.39 -10.31
CA ASP B 97 10.55 32.58 -10.06
C ASP B 97 10.19 33.06 -8.66
N LYS B 98 10.88 32.50 -7.66
CA LYS B 98 10.62 32.87 -6.27
C LYS B 98 10.89 34.35 -6.10
N PRO B 99 9.87 35.12 -5.66
CA PRO B 99 10.01 36.56 -5.45
C PRO B 99 10.89 36.82 -4.24
N ALA B 100 11.60 37.95 -4.27
CA ALA B 100 12.50 38.31 -3.20
C ALA B 100 11.70 38.84 -2.02
N GLY B 101 12.20 38.59 -0.81
CA GLY B 101 11.60 39.15 0.40
C GLY B 101 11.43 40.67 0.33
N GLY B 102 10.44 41.18 1.04
CA GLY B 102 10.24 42.63 1.15
C GLY B 102 10.35 43.11 2.59
N THR B 103 9.98 44.37 2.79
CA THR B 103 9.97 44.96 4.11
C THR B 103 8.75 45.85 4.24
N THR B 104 7.94 45.55 5.24
CA THR B 104 6.74 46.36 5.52
C THR B 104 7.13 47.72 6.09
N PRO B 105 6.31 48.76 5.85
CA PRO B 105 6.55 50.08 6.43
C PRO B 105 6.99 50.06 7.89
N LYS B 106 6.63 49.02 8.63
CA LYS B 106 7.05 48.90 10.03
C LYS B 106 8.41 48.26 10.18
N GLY B 107 9.14 48.12 9.08
CA GLY B 107 10.46 47.52 9.09
C GLY B 107 10.48 46.02 9.40
N GLU B 108 9.36 45.35 9.19
CA GLU B 108 9.31 43.89 9.29
C GLU B 108 9.65 43.27 7.93
N SER B 109 10.54 42.28 7.96
CA SER B 109 10.92 41.56 6.76
C SER B 109 10.04 40.32 6.58
N TYR B 110 9.73 40.01 5.32
CA TYR B 110 8.91 38.85 5.00
C TYR B 110 9.46 38.14 3.77
N THR B 111 9.39 36.82 3.79
CA THR B 111 9.78 36.02 2.63
C THR B 111 8.50 35.56 1.92
N TYR B 112 8.66 34.81 0.84
CA TYR B 112 7.52 34.28 0.11
C TYR B 112 7.47 32.77 0.07
N SER B 113 6.25 32.25 0.10
CA SER B 113 5.99 30.87 -0.21
C SER B 113 4.92 30.79 -1.29
N ALA B 114 5.04 29.76 -2.13
CA ALA B 114 4.03 29.45 -3.12
C ALA B 114 2.82 28.98 -2.35
N ASN B 115 1.68 29.58 -2.65
CA ASN B 115 0.46 29.25 -1.94
C ASN B 115 -0.55 28.62 -2.90
N ASP B 116 -1.81 29.02 -2.79
CA ASP B 116 -2.86 28.45 -3.61
C ASP B 116 -2.59 28.73 -5.06
N ALA B 117 -2.90 27.75 -5.90
CA ALA B 117 -2.89 27.98 -7.31
C ALA B 117 -4.30 27.78 -7.86
N SER B 118 -4.51 28.29 -9.06
CA SER B 118 -5.59 27.86 -9.89
C SER B 118 -4.95 27.44 -11.21
N VAL B 119 -5.79 27.04 -12.15
CA VAL B 119 -5.31 26.70 -13.47
C VAL B 119 -6.18 27.31 -14.52
N GLY B 120 -5.60 27.46 -15.69
CA GLY B 120 -6.31 27.95 -16.84
C GLY B 120 -5.46 27.77 -18.07
N ASP B 121 -6.14 27.76 -19.21
CA ASP B 121 -5.50 27.73 -20.49
C ASP B 121 -5.43 29.18 -20.93
N VAL B 122 -4.33 29.85 -20.58
CA VAL B 122 -4.25 31.30 -20.73
C VAL B 122 -3.90 31.73 -22.15
N ASP B 123 -3.29 30.80 -22.89
CA ASP B 123 -2.87 31.05 -24.27
C ASP B 123 -3.50 30.13 -25.34
N GLY B 124 -4.42 29.25 -24.93
CA GLY B 124 -5.20 28.44 -25.88
C GLY B 124 -4.47 27.28 -26.52
N ASP B 125 -3.51 26.70 -25.81
CA ASP B 125 -2.78 25.54 -26.31
C ASP B 125 -3.28 24.19 -25.78
N GLY B 126 -4.37 24.21 -25.01
CA GLY B 126 -5.04 22.98 -24.53
C GLY B 126 -4.35 22.31 -23.35
N GLN B 127 -3.40 23.04 -22.76
CA GLN B 127 -2.69 22.59 -21.59
C GLN B 127 -2.90 23.67 -20.54
N TYR B 128 -3.11 23.27 -19.29
CA TYR B 128 -3.34 24.23 -18.20
C TYR B 128 -2.05 24.86 -17.76
N GLU B 129 -2.10 26.17 -17.50
CA GLU B 129 -1.04 26.85 -16.77
C GLU B 129 -1.43 26.91 -15.30
N LEU B 130 -0.43 27.01 -14.44
CA LEU B 130 -0.64 27.24 -13.04
C LEU B 130 -0.60 28.72 -12.77
N ILE B 131 -1.65 29.21 -12.16
CA ILE B 131 -1.70 30.60 -11.75
C ILE B 131 -1.40 30.55 -10.25
N LEU B 132 -0.26 31.11 -9.87
CA LEU B 132 0.25 30.91 -8.53
C LEU B 132 0.19 32.18 -7.68
N LYS B 133 -0.52 32.08 -6.56
CA LYS B 133 -0.52 33.13 -5.56
C LYS B 133 0.67 32.90 -4.66
N TRP B 134 1.47 33.95 -4.49
CA TRP B 134 2.54 33.95 -3.50
C TRP B 134 2.03 34.51 -2.18
N ASP B 135 2.37 33.81 -1.11
CA ASP B 135 2.01 34.26 0.20
C ASP B 135 3.23 34.77 0.93
N PRO B 136 3.22 36.07 1.27
CA PRO B 136 4.33 36.56 2.08
C PRO B 136 4.20 35.92 3.46
N SER B 137 5.33 35.69 4.13
CA SER B 137 5.33 34.99 5.42
C SER B 137 4.58 35.75 6.51
N ASN B 138 4.29 37.03 6.29
CA ASN B 138 3.56 37.83 7.26
C ASN B 138 2.10 38.06 6.86
N SER B 139 1.60 37.22 5.95
CA SER B 139 0.18 37.20 5.63
C SER B 139 -0.63 36.94 6.89
N LYS B 140 -1.85 37.43 6.90
CA LYS B 140 -2.61 37.56 8.13
C LYS B 140 -4.04 37.13 7.93
N ASP B 141 -4.54 36.33 8.86
CA ASP B 141 -5.97 36.16 9.04
C ASP B 141 -6.54 37.54 9.39
N ASN B 142 -7.79 37.78 8.99
CA ASN B 142 -8.39 39.09 9.18
C ASN B 142 -8.47 39.57 10.62
N SER B 143 -8.54 38.61 11.55
CA SER B 143 -8.57 38.91 13.00
C SER B 143 -7.23 39.42 13.52
N GLN B 144 -6.17 39.12 12.78
CA GLN B 144 -4.83 39.56 13.14
C GLN B 144 -4.50 40.93 12.53
N ASP B 145 -3.99 41.84 13.37
CA ASP B 145 -3.47 43.12 12.90
C ASP B 145 -2.07 42.89 12.32
N GLY B 146 -1.54 43.89 11.62
CA GLY B 146 -0.18 43.81 11.13
C GLY B 146 -0.10 44.23 9.68
N TYR B 147 1.03 44.79 9.30
CA TYR B 147 1.31 45.03 7.89
C TYR B 147 1.69 43.72 7.22
N THR B 148 1.24 43.56 5.98
CA THR B 148 1.54 42.36 5.21
C THR B 148 2.34 42.71 3.99
N GLY B 149 3.17 41.76 3.57
CA GLY B 149 3.87 41.86 2.31
C GLY B 149 2.92 41.93 1.13
N ASP B 150 3.47 42.34 -0.02
CA ASP B 150 2.74 42.40 -1.27
C ASP B 150 2.30 41.02 -1.70
N VAL B 151 1.12 40.95 -2.29
CA VAL B 151 0.62 39.72 -2.87
C VAL B 151 1.02 39.72 -4.34
N LEU B 152 1.58 38.59 -4.76
CA LEU B 152 2.08 38.41 -6.11
C LEU B 152 1.40 37.21 -6.73
N ILE B 153 0.79 37.43 -7.88
CA ILE B 153 0.22 36.34 -8.66
C ILE B 153 1.07 36.12 -9.92
N ASP B 154 1.53 34.88 -10.11
CA ASP B 154 2.30 34.49 -11.28
C ASP B 154 1.52 33.54 -12.14
N ALA B 155 1.76 33.58 -13.46
CA ALA B 155 1.32 32.51 -14.34
C ALA B 155 2.52 31.72 -14.80
N TYR B 156 2.38 30.40 -14.75
CA TYR B 156 3.42 29.49 -15.19
C TYR B 156 2.87 28.48 -16.16
N LYS B 157 3.58 28.26 -17.26
CA LYS B 157 3.33 27.09 -18.09
C LYS B 157 3.99 25.89 -17.43
N LEU B 158 3.49 24.70 -17.72
CA LEU B 158 4.05 23.47 -17.14
C LEU B 158 5.55 23.32 -17.36
N ASP B 159 6.08 23.89 -18.45
CA ASP B 159 7.50 23.83 -18.74
C ASP B 159 8.33 24.80 -17.91
N GLY B 160 7.63 25.62 -17.12
CA GLY B 160 8.28 26.54 -16.18
C GLY B 160 8.19 28.01 -16.53
N THR B 161 7.82 28.29 -17.77
CA THR B 161 7.76 29.66 -18.28
C THR B 161 6.91 30.56 -17.38
N LYS B 162 7.53 31.55 -16.75
CA LYS B 162 6.75 32.59 -16.08
C LYS B 162 6.24 33.51 -17.16
N LEU B 163 4.92 33.62 -17.27
CA LEU B 163 4.33 34.42 -18.32
C LEU B 163 4.26 35.86 -17.90
N TRP B 164 4.05 36.06 -16.60
CA TRP B 164 3.89 37.39 -16.03
C TRP B 164 3.74 37.33 -14.52
N ARG B 165 3.80 38.51 -13.90
CA ARG B 165 3.57 38.66 -12.47
C ARG B 165 2.71 39.89 -12.24
N ILE B 166 1.67 39.69 -11.44
CA ILE B 166 0.89 40.78 -10.97
C ILE B 166 1.28 41.01 -9.51
N ASN B 167 1.72 42.23 -9.23
CA ASN B 167 1.99 42.66 -7.86
C ASN B 167 0.80 43.44 -7.42
N LEU B 168 0.01 42.84 -6.53
CA LEU B 168 -1.25 43.45 -6.16
C LEU B 168 -1.02 44.73 -5.38
N GLY B 169 0.15 44.83 -4.76
CA GLY B 169 0.65 46.09 -4.21
C GLY B 169 0.10 46.45 -2.85
N LYS B 170 0.69 47.49 -2.27
CA LYS B 170 0.48 47.87 -0.86
C LYS B 170 -0.98 47.93 -0.39
N ASN B 171 -1.91 48.17 -1.30
CA ASN B 171 -3.30 48.32 -0.90
C ASN B 171 -4.17 47.05 -0.90
N ILE B 172 -3.51 45.90 -0.99
CA ILE B 172 -4.20 44.63 -0.90
C ILE B 172 -3.49 43.80 0.14
N ARG B 173 -4.10 43.71 1.32
CA ARG B 173 -3.54 42.95 2.41
C ARG B 173 -3.36 41.50 1.99
N ALA B 174 -2.33 40.86 2.54
CA ALA B 174 -2.07 39.45 2.22
C ALA B 174 -2.73 38.56 3.25
N GLY B 175 -3.50 37.57 2.80
CA GLY B 175 -4.12 36.63 3.73
C GLY B 175 -5.12 35.76 3.03
N ALA B 176 -5.47 34.63 3.62
CA ALA B 176 -6.31 33.65 2.95
C ALA B 176 -7.67 34.23 2.51
N HIS B 177 -8.13 35.24 3.23
CA HIS B 177 -9.47 35.71 3.05
C HIS B 177 -9.52 36.98 2.22
N TYR B 178 -8.34 37.49 1.87
CA TYR B 178 -8.24 38.63 0.97
C TYR B 178 -8.34 38.26 -0.51
N THR B 179 -7.21 37.99 -1.16
CA THR B 179 -7.21 37.71 -2.59
C THR B 179 -7.83 36.36 -2.95
N GLN B 180 -8.95 36.42 -3.67
CA GLN B 180 -9.52 35.26 -4.33
C GLN B 180 -9.43 35.45 -5.82
N PHE B 181 -8.60 34.67 -6.48
CA PHE B 181 -8.38 34.86 -7.90
C PHE B 181 -9.10 33.81 -8.69
N MET B 182 -9.88 34.29 -9.64
CA MET B 182 -10.62 33.41 -10.50
C MET B 182 -9.85 33.30 -11.79
N VAL B 183 -9.43 32.08 -12.11
CA VAL B 183 -8.81 31.86 -13.40
C VAL B 183 -9.78 31.06 -14.21
N TYR B 184 -10.26 31.68 -15.29
CA TYR B 184 -11.27 31.09 -16.14
C TYR B 184 -11.39 31.84 -17.45
N ASP B 185 -11.65 31.09 -18.53
CA ASP B 185 -11.99 31.68 -19.83
C ASP B 185 -13.37 32.35 -19.73
N LEU B 186 -13.38 33.60 -19.28
CA LEU B 186 -14.63 34.23 -18.94
C LEU B 186 -15.41 34.67 -20.17
N ASP B 187 -14.70 35.22 -21.15
CA ASP B 187 -15.36 35.70 -22.36
C ASP B 187 -15.41 34.64 -23.45
N GLY B 188 -14.73 33.52 -23.23
CA GLY B 188 -14.85 32.40 -24.15
C GLY B 188 -14.17 32.58 -25.49
N ASP B 189 -13.03 33.26 -25.52
CA ASP B 189 -12.20 33.24 -26.71
C ASP B 189 -11.21 32.07 -26.67
N GLY B 190 -11.52 31.09 -25.82
CA GLY B 190 -10.64 29.94 -25.62
C GLY B 190 -9.45 30.22 -24.72
N LYS B 191 -9.31 31.46 -24.24
CA LYS B 191 -8.21 31.79 -23.32
C LYS B 191 -8.68 32.23 -21.94
N ALA B 192 -8.04 31.69 -20.92
CA ALA B 192 -8.38 32.00 -19.53
C ALA B 192 -7.98 33.42 -19.23
N GLU B 193 -8.90 34.18 -18.65
CA GLU B 193 -8.52 35.40 -17.96
C GLU B 193 -8.28 35.11 -16.49
N VAL B 194 -7.87 36.16 -15.78
CA VAL B 194 -7.69 36.09 -14.35
C VAL B 194 -8.35 37.33 -13.78
N ALA B 195 -9.39 37.12 -12.98
CA ALA B 195 -9.99 38.23 -12.27
C ALA B 195 -9.70 38.11 -10.78
N MET B 196 -9.24 39.23 -10.20
CA MET B 196 -9.10 39.35 -8.75
C MET B 196 -9.44 40.77 -8.32
N LYS B 197 -9.59 40.96 -7.01
CA LYS B 197 -9.78 42.29 -6.49
C LYS B 197 -8.46 43.05 -6.55
N THR B 198 -8.49 44.26 -7.09
CA THR B 198 -7.29 45.09 -7.13
C THR B 198 -7.50 46.39 -6.39
N ALA B 199 -6.42 47.15 -6.26
CA ALA B 199 -6.46 48.44 -5.59
C ALA B 199 -5.52 49.39 -6.31
N ASP B 200 -5.55 50.68 -5.96
CA ASP B 200 -4.49 51.58 -6.42
C ASP B 200 -3.15 50.93 -6.14
N GLY B 201 -2.22 51.11 -7.06
CA GLY B 201 -0.88 50.60 -6.87
C GLY B 201 -0.69 49.18 -7.35
N THR B 202 -1.77 48.53 -7.79
CA THR B 202 -1.59 47.19 -8.34
C THR B 202 -0.82 47.35 -9.65
N LYS B 203 0.15 46.46 -9.87
CA LYS B 203 0.93 46.47 -11.10
C LYS B 203 0.56 45.23 -11.92
N ASP B 204 -0.02 45.46 -13.10
CA ASP B 204 -0.40 44.38 -14.01
C ASP B 204 0.85 43.70 -14.58
N GLY B 205 0.66 42.65 -15.36
CA GLY B 205 1.77 41.87 -15.87
C GLY B 205 2.68 42.63 -16.81
N THR B 206 2.15 43.67 -17.46
CA THR B 206 2.95 44.50 -18.37
C THR B 206 3.81 45.51 -17.60
N GLY B 207 3.38 45.82 -16.37
CA GLY B 207 4.10 46.73 -15.52
C GLY B 207 3.39 48.07 -15.43
N LYS B 208 2.13 48.12 -15.88
CA LYS B 208 1.32 49.31 -15.68
C LYS B 208 0.76 49.27 -14.29
N VAL B 209 0.67 50.43 -13.65
CA VAL B 209 0.07 50.49 -12.34
C VAL B 209 -1.36 50.94 -12.50
N ILE B 210 -2.26 50.26 -11.79
CA ILE B 210 -3.68 50.59 -11.80
C ILE B 210 -3.92 51.72 -10.80
N GLY B 211 -4.76 52.67 -11.20
CA GLY B 211 -5.15 53.78 -10.33
C GLY B 211 -4.00 54.68 -9.95
N ASN B 212 -3.98 55.12 -8.69
CA ASN B 212 -2.98 56.07 -8.22
C ASN B 212 -1.78 55.35 -7.60
N ALA B 213 -0.66 55.39 -8.31
CA ALA B 213 0.52 54.59 -7.94
C ALA B 213 1.03 54.85 -6.53
N ASN B 214 0.81 56.07 -6.05
CA ASN B 214 1.37 56.52 -4.79
C ASN B 214 0.43 56.53 -3.59
N ALA B 215 -0.85 56.20 -3.79
CA ALA B 215 -1.79 56.12 -2.67
C ALA B 215 -1.35 55.03 -1.69
N ASP B 216 -1.56 55.29 -0.41
CA ASP B 216 -1.31 54.30 0.64
C ASP B 216 -2.47 54.37 1.62
N TYR B 217 -3.33 53.37 1.54
CA TYR B 217 -4.53 53.34 2.36
C TYR B 217 -4.40 52.39 3.55
N ARG B 218 -3.23 51.79 3.71
CA ARG B 218 -2.95 51.02 4.90
C ARG B 218 -3.03 51.92 6.12
N ASN B 219 -3.99 51.61 7.00
CA ASN B 219 -4.11 52.28 8.28
C ASN B 219 -3.00 51.82 9.24
N GLU B 220 -3.05 52.27 10.48
CA GLU B 220 -2.01 51.96 11.47
C GLU B 220 -1.83 50.47 11.76
N GLN B 221 -2.85 49.69 11.45
CA GLN B 221 -2.84 48.27 11.75
C GLN B 221 -2.52 47.42 10.54
N GLY B 222 -2.18 48.07 9.45
CA GLY B 222 -1.80 47.38 8.23
C GLY B 222 -3.00 46.78 7.55
N ARG B 223 -4.17 47.29 7.91
CA ARG B 223 -5.37 46.92 7.20
C ARG B 223 -5.70 48.02 6.24
N VAL B 224 -6.14 47.63 5.06
CA VAL B 224 -6.56 48.59 4.05
C VAL B 224 -8.05 48.73 4.20
N LEU B 225 -8.49 49.81 4.83
CA LEU B 225 -9.89 49.99 5.17
C LEU B 225 -10.49 51.23 4.54
N SER B 226 -9.76 51.84 3.62
CA SER B 226 -10.23 53.03 2.94
C SER B 226 -9.71 53.09 1.52
N GLY B 227 -10.14 54.10 0.79
CA GLY B 227 -9.72 54.28 -0.60
C GLY B 227 -10.55 53.47 -1.55
N PRO B 228 -10.32 53.64 -2.87
CA PRO B 228 -11.12 52.90 -3.82
C PRO B 228 -10.61 51.46 -3.94
N GLU B 229 -11.53 50.54 -4.17
CA GLU B 229 -11.19 49.16 -4.46
C GLU B 229 -11.60 48.89 -5.89
N TYR B 230 -10.87 47.99 -6.55
CA TYR B 230 -11.16 47.70 -7.94
C TYR B 230 -11.38 46.23 -8.19
N LEU B 231 -12.03 45.91 -9.30
CA LEU B 231 -12.03 44.56 -9.80
C LEU B 231 -11.37 44.60 -11.16
N THR B 232 -10.41 43.73 -11.38
CA THR B 232 -9.70 43.72 -12.64
C THR B 232 -9.76 42.36 -13.30
N VAL B 233 -10.08 42.36 -14.59
CA VAL B 233 -9.85 41.23 -15.45
C VAL B 233 -8.50 41.50 -16.09
N PHE B 234 -7.59 40.55 -15.94
CA PHE B 234 -6.28 40.60 -16.58
C PHE B 234 -6.25 39.59 -17.70
N GLN B 235 -5.61 39.94 -18.80
CA GLN B 235 -5.40 38.99 -19.87
C GLN B 235 -4.62 37.83 -19.32
N GLY B 236 -5.15 36.64 -19.53
CA GLY B 236 -4.48 35.42 -19.11
C GLY B 236 -3.03 35.32 -19.52
N SER B 237 -2.76 35.52 -20.81
CA SER B 237 -1.40 35.29 -21.33
C SER B 237 -0.37 36.37 -20.98
N THR B 238 -0.81 37.61 -20.85
CA THR B 238 0.10 38.74 -20.61
C THR B 238 0.03 39.31 -19.19
N GLY B 239 -1.02 38.98 -18.45
CA GLY B 239 -1.24 39.61 -17.15
C GLY B 239 -1.52 41.09 -17.29
N LYS B 240 -1.83 41.51 -18.51
CA LYS B 240 -2.17 42.89 -18.79
C LYS B 240 -3.56 43.13 -18.29
N GLU B 241 -3.81 44.30 -17.73
CA GLU B 241 -5.14 44.71 -17.28
C GLU B 241 -6.05 45.00 -18.47
N LEU B 242 -7.06 44.17 -18.65
CA LEU B 242 -8.00 44.37 -19.75
C LEU B 242 -9.02 45.44 -19.40
N VAL B 243 -9.67 45.26 -18.25
CA VAL B 243 -10.59 46.26 -17.69
C VAL B 243 -10.54 46.28 -16.16
N THR B 244 -10.66 47.47 -15.60
CA THR B 244 -10.75 47.65 -14.18
C THR B 244 -12.02 48.40 -13.85
N ALA B 245 -12.87 47.78 -13.05
CA ALA B 245 -14.07 48.44 -12.59
C ALA B 245 -13.89 48.65 -11.10
N ASN B 246 -14.70 49.55 -10.53
CA ASN B 246 -14.79 49.64 -9.09
C ASN B 246 -15.24 48.29 -8.57
N PHE B 247 -14.67 47.91 -7.43
CA PHE B 247 -15.02 46.64 -6.83
C PHE B 247 -16.39 46.64 -6.16
N GLU B 248 -17.18 45.63 -6.50
CA GLU B 248 -18.38 45.33 -5.74
C GLU B 248 -18.34 43.84 -5.44
N PRO B 249 -18.74 43.45 -4.22
CA PRO B 249 -19.36 44.26 -3.17
C PRO B 249 -18.44 45.37 -2.70
N ALA B 250 -18.94 46.60 -2.72
CA ALA B 250 -18.18 47.76 -2.27
C ALA B 250 -17.95 47.69 -0.76
N ARG B 251 -16.91 48.36 -0.28
CA ARG B 251 -16.56 48.33 1.12
C ARG B 251 -17.61 49.07 1.95
N GLY B 252 -17.88 50.31 1.58
CA GLY B 252 -18.83 51.14 2.33
C GLY B 252 -18.20 51.48 3.65
N ASN B 253 -18.92 51.18 4.74
CA ASN B 253 -18.38 51.38 6.07
C ASN B 253 -17.89 50.07 6.66
N VAL B 254 -16.60 50.03 7.00
CA VAL B 254 -16.01 48.87 7.66
C VAL B 254 -16.98 48.23 8.65
N SER B 255 -17.58 49.04 9.52
CA SER B 255 -18.44 48.54 10.59
C SER B 255 -19.72 47.86 10.10
N ASP B 256 -20.14 48.16 8.86
CA ASP B 256 -21.34 47.56 8.27
C ASP B 256 -21.28 46.05 8.34
N TRP B 257 -20.07 45.51 8.45
CA TRP B 257 -19.84 44.09 8.26
C TRP B 257 -19.80 43.29 9.57
N GLY B 258 -19.92 43.98 10.71
CA GLY B 258 -20.07 43.30 11.98
C GLY B 258 -18.93 43.55 12.95
N ASP B 259 -17.90 44.26 12.50
CA ASP B 259 -16.87 44.78 13.39
C ASP B 259 -16.30 46.09 12.86
N SER B 260 -15.66 46.87 13.73
CA SER B 260 -15.14 48.18 13.34
C SER B 260 -13.64 48.19 13.07
N TYR B 261 -12.98 47.07 13.34
CA TYR B 261 -11.54 47.01 13.17
C TYR B 261 -11.11 46.43 11.83
N GLY B 262 -12.05 45.83 11.12
CA GLY B 262 -11.76 45.39 9.76
C GLY B 262 -11.47 43.91 9.58
N ASN B 263 -12.14 43.08 10.35
CA ASN B 263 -12.07 41.64 10.14
C ASN B 263 -13.09 41.28 9.09
N ARG B 264 -14.36 41.41 9.45
CA ARG B 264 -15.45 40.87 8.66
C ARG B 264 -15.61 41.53 7.29
N VAL B 265 -15.30 42.82 7.21
CA VAL B 265 -15.37 43.56 5.94
C VAL B 265 -14.53 42.88 4.83
N ASP B 266 -13.39 42.31 5.20
CA ASP B 266 -12.51 41.75 4.19
C ASP B 266 -12.56 40.22 4.10
N ARG B 267 -13.78 39.70 4.13
CA ARG B 267 -14.02 38.26 4.09
C ARG B 267 -14.48 37.85 2.70
N PHE B 268 -13.52 37.57 1.84
CA PHE B 268 -13.79 37.38 0.44
C PHE B 268 -13.93 35.92 0.05
N LEU B 269 -14.86 35.69 -0.86
CA LEU B 269 -14.92 34.46 -1.58
C LEU B 269 -15.13 34.82 -3.05
N ALA B 270 -14.86 33.88 -3.92
CA ALA B 270 -15.07 34.09 -5.33
C ALA B 270 -15.41 32.75 -5.95
N GLY B 271 -16.10 32.78 -7.08
CA GLY B 271 -16.35 31.56 -7.80
C GLY B 271 -16.63 31.80 -9.27
N ILE B 272 -16.53 30.72 -10.04
CA ILE B 272 -17.01 30.70 -11.39
C ILE B 272 -18.28 29.85 -11.41
N ALA B 273 -19.29 30.33 -12.14
CA ALA B 273 -20.60 29.73 -12.16
C ALA B 273 -21.23 29.99 -13.51
N TYR B 274 -21.83 28.96 -14.09
CA TYR B 274 -22.59 29.14 -15.30
C TYR B 274 -23.96 29.55 -14.87
N LEU B 275 -24.12 30.84 -14.64
CA LEU B 275 -25.39 31.38 -14.18
C LEU B 275 -26.40 31.31 -15.31
N ASP B 276 -25.95 31.60 -16.52
CA ASP B 276 -26.78 31.50 -17.71
C ASP B 276 -26.80 30.05 -18.22
N GLY B 277 -26.06 29.19 -17.52
CA GLY B 277 -26.12 27.75 -17.74
C GLY B 277 -25.42 27.28 -18.98
N GLN B 278 -24.65 28.16 -19.60
CA GLN B 278 -23.99 27.84 -20.85
C GLN B 278 -22.60 28.46 -20.84
N ARG B 279 -22.52 29.69 -20.33
CA ARG B 279 -21.29 30.47 -20.27
C ARG B 279 -20.95 30.89 -18.83
N PRO B 280 -19.64 31.02 -18.52
CA PRO B 280 -19.16 31.29 -17.17
C PRO B 280 -19.42 32.70 -16.68
N SER B 281 -19.66 32.81 -15.38
CA SER B 281 -19.79 34.09 -14.72
C SER B 281 -18.83 34.20 -13.53
N LEU B 282 -18.38 35.42 -13.28
CA LEU B 282 -17.53 35.70 -12.15
C LEU B 282 -18.38 36.05 -10.93
N ILE B 283 -18.15 35.32 -9.84
CA ILE B 283 -18.80 35.65 -8.58
C ILE B 283 -17.77 36.25 -7.65
N MET B 284 -18.04 37.46 -7.19
CA MET B 284 -17.29 38.07 -6.12
C MET B 284 -18.21 38.07 -4.93
N THR B 285 -17.69 37.66 -3.78
CA THR B 285 -18.45 37.74 -2.54
C THR B 285 -17.64 38.42 -1.46
N ARG B 286 -18.34 39.00 -0.48
CA ARG B 286 -17.72 39.73 0.60
C ARG B 286 -18.54 39.53 1.87
N GLY B 287 -17.86 39.08 2.92
CA GLY B 287 -18.49 38.85 4.20
C GLY B 287 -19.23 37.53 4.27
N TYR B 288 -19.27 36.93 5.46
CA TYR B 288 -20.14 35.77 5.68
C TYR B 288 -20.54 35.58 7.14
N TYR B 289 -19.84 36.21 8.07
CA TYR B 289 -20.18 36.16 9.48
C TYR B 289 -21.44 36.98 9.81
N ALA B 290 -21.59 38.10 9.11
CA ALA B 290 -22.77 38.94 9.20
C ALA B 290 -23.15 39.37 7.79
N LYS B 291 -23.18 40.69 7.54
CA LYS B 291 -23.43 41.21 6.20
C LYS B 291 -22.66 40.38 5.19
N THR B 292 -23.41 39.83 4.25
CA THR B 292 -22.88 38.97 3.24
C THR B 292 -23.37 39.53 1.92
N MET B 293 -22.43 39.82 1.03
CA MET B 293 -22.80 40.22 -0.29
C MET B 293 -22.20 39.28 -1.30
N LEU B 294 -22.96 39.00 -2.36
CA LEU B 294 -22.46 38.24 -3.50
C LEU B 294 -22.77 39.04 -4.75
N VAL B 295 -21.78 39.16 -5.63
CA VAL B 295 -21.99 39.84 -6.89
C VAL B 295 -21.58 38.93 -8.03
N ALA B 296 -22.45 38.85 -9.05
CA ALA B 296 -22.15 38.14 -10.27
C ALA B 296 -21.64 39.14 -11.28
N TYR B 297 -20.71 38.72 -12.11
CA TYR B 297 -20.17 39.56 -13.16
C TYR B 297 -20.03 38.72 -14.40
N ASN B 298 -20.25 39.33 -15.55
CA ASN B 298 -19.79 38.71 -16.77
C ASN B 298 -18.65 39.51 -17.33
N PHE B 299 -17.68 38.81 -17.90
CA PHE B 299 -16.71 39.45 -18.75
C PHE B 299 -16.88 38.88 -20.13
N ARG B 300 -17.58 39.64 -20.96
CA ARG B 300 -17.92 39.26 -22.33
C ARG B 300 -17.80 40.48 -23.24
N ASP B 301 -17.20 40.27 -24.41
CA ASP B 301 -16.97 41.32 -25.42
C ASP B 301 -16.10 42.45 -24.86
N GLY B 302 -15.04 42.08 -24.15
CA GLY B 302 -14.14 43.05 -23.53
C GLY B 302 -14.79 44.04 -22.57
N LYS B 303 -15.94 43.66 -22.01
CA LYS B 303 -16.67 44.53 -21.08
C LYS B 303 -16.94 43.79 -19.77
N LEU B 304 -16.85 44.52 -18.66
CA LEU B 304 -17.22 43.94 -17.38
C LEU B 304 -18.55 44.50 -16.95
N SER B 305 -19.48 43.61 -16.70
CA SER B 305 -20.84 44.01 -16.37
C SER B 305 -21.38 43.24 -15.17
N LYS B 306 -21.84 44.00 -14.20
CA LYS B 306 -22.46 43.48 -13.00
C LYS B 306 -23.78 42.84 -13.42
N LEU B 307 -23.90 41.55 -13.17
CA LEU B 307 -25.12 40.80 -13.44
C LEU B 307 -26.15 40.99 -12.34
N TRP B 308 -25.80 40.59 -11.12
CA TRP B 308 -26.68 40.76 -9.96
C TRP B 308 -25.89 40.89 -8.67
N THR B 309 -26.60 41.25 -7.62
CA THR B 309 -26.03 41.43 -6.29
C THR B 309 -26.93 40.77 -5.25
N LEU B 310 -26.36 39.94 -4.39
CA LEU B 310 -27.05 39.52 -3.19
C LEU B 310 -26.44 40.30 -2.05
N ASP B 311 -27.32 40.92 -1.29
CA ASP B 311 -26.92 41.71 -0.16
C ASP B 311 -27.78 41.31 1.01
N SER B 312 -27.15 40.77 2.03
CA SER B 312 -27.84 40.30 3.23
C SER B 312 -28.48 41.47 3.98
N SER B 313 -27.89 42.64 3.81
CA SER B 313 -28.38 43.83 4.48
C SER B 313 -29.58 44.44 3.73
N LYS B 314 -29.87 43.97 2.53
CA LYS B 314 -31.10 44.36 1.85
C LYS B 314 -32.29 43.71 2.53
N SER B 315 -33.18 44.56 3.02
CA SER B 315 -34.47 44.16 3.58
C SER B 315 -34.99 42.92 2.85
N GLY B 316 -35.08 41.81 3.58
CA GLY B 316 -35.54 40.54 3.02
C GLY B 316 -34.51 39.43 2.94
N ASN B 317 -33.24 39.79 3.10
CA ASN B 317 -32.16 38.81 3.00
C ASN B 317 -31.47 38.46 4.32
N GLU B 318 -32.08 38.89 5.43
CA GLU B 318 -31.49 38.75 6.78
C GLU B 318 -30.97 37.34 7.11
N ALA B 319 -31.65 36.32 6.60
CA ALA B 319 -31.27 34.92 6.85
C ALA B 319 -30.03 34.49 6.08
N PHE B 320 -29.64 35.31 5.10
CA PHE B 320 -28.43 35.05 4.31
C PHE B 320 -27.24 35.79 4.90
N ALA B 321 -27.36 36.16 6.17
CA ALA B 321 -26.26 36.70 6.94
C ALA B 321 -25.76 35.58 7.84
N GLY B 322 -24.46 35.59 8.12
CA GLY B 322 -23.88 34.68 9.10
C GLY B 322 -23.86 33.21 8.72
N GLN B 323 -24.08 32.92 7.44
CA GLN B 323 -24.20 31.53 6.94
C GLN B 323 -23.02 31.01 6.12
N GLY B 324 -22.20 31.92 5.62
CA GLY B 324 -21.10 31.56 4.76
C GLY B 324 -19.98 30.79 5.45
N ASN B 325 -19.24 30.05 4.62
CA ASN B 325 -18.08 29.32 5.04
C ASN B 325 -16.86 30.05 4.55
N HIS B 326 -15.68 29.57 4.92
CA HIS B 326 -14.45 30.05 4.31
C HIS B 326 -14.29 29.36 2.98
N ASN B 327 -15.39 28.89 2.42
CA ASN B 327 -15.41 28.20 1.14
C ASN B 327 -16.80 28.29 0.57
N LEU B 328 -16.93 27.84 -0.67
CA LEU B 328 -18.23 27.69 -1.31
C LEU B 328 -18.21 26.61 -2.36
N SER B 329 -19.39 26.20 -2.82
CA SER B 329 -19.50 25.26 -3.91
C SER B 329 -20.45 25.81 -4.96
N ILE B 330 -20.15 25.51 -6.21
CA ILE B 330 -20.97 25.94 -7.32
C ILE B 330 -21.42 24.68 -8.02
N ALA B 331 -22.71 24.45 -8.04
CA ALA B 331 -23.23 23.26 -8.67
C ALA B 331 -24.62 23.54 -9.18
N ASP B 332 -24.98 22.84 -10.24
CA ASP B 332 -26.35 22.80 -10.67
C ASP B 332 -27.06 21.85 -9.71
N VAL B 333 -27.68 22.42 -8.66
CA VAL B 333 -28.31 21.62 -7.61
C VAL B 333 -29.79 21.37 -7.86
N ASP B 334 -30.42 22.22 -8.66
CA ASP B 334 -31.87 22.14 -8.89
C ASP B 334 -32.24 21.53 -10.25
N GLY B 335 -31.24 21.06 -10.98
CA GLY B 335 -31.45 20.38 -12.25
C GLY B 335 -31.78 21.27 -13.44
N ASP B 336 -31.62 22.59 -13.31
CA ASP B 336 -32.00 23.53 -14.37
C ASP B 336 -30.88 23.91 -15.36
N GLY B 337 -29.73 23.24 -15.27
CA GLY B 337 -28.59 23.52 -16.16
C GLY B 337 -27.74 24.71 -15.76
N LYS B 338 -28.30 25.61 -14.94
CA LYS B 338 -27.58 26.78 -14.44
C LYS B 338 -27.02 26.50 -13.03
N ASP B 339 -25.86 27.05 -12.73
CA ASP B 339 -25.20 26.82 -11.44
C ASP B 339 -25.73 27.70 -10.33
N GLU B 340 -25.97 27.07 -9.19
CA GLU B 340 -26.27 27.74 -7.94
C GLU B 340 -25.02 27.80 -7.05
N ILE B 341 -25.01 28.75 -6.11
CA ILE B 341 -23.88 28.92 -5.20
C ILE B 341 -24.21 28.35 -3.81
N ILE B 342 -23.52 27.28 -3.45
CA ILE B 342 -23.63 26.73 -2.12
C ILE B 342 -22.70 27.57 -1.28
N PHE B 343 -23.28 28.37 -0.41
CA PHE B 343 -22.54 29.32 0.37
C PHE B 343 -22.63 28.89 1.83
N GLY B 344 -21.86 27.86 2.16
CA GLY B 344 -21.90 27.27 3.48
C GLY B 344 -23.27 26.73 3.81
N SER B 345 -23.93 27.36 4.79
CA SER B 345 -25.25 26.92 5.29
C SER B 345 -26.42 27.44 4.45
N MET B 346 -26.11 28.37 3.54
CA MET B 346 -27.11 28.94 2.67
C MET B 346 -26.74 28.74 1.21
N ALA B 347 -27.71 28.93 0.33
CA ALA B 347 -27.46 28.78 -1.10
C ALA B 347 -28.06 29.92 -1.90
N VAL B 348 -27.37 30.30 -2.96
CA VAL B 348 -27.82 31.37 -3.85
C VAL B 348 -28.17 30.76 -5.19
N ASP B 349 -29.35 31.11 -5.72
CA ASP B 349 -29.76 30.62 -7.02
C ASP B 349 -28.97 31.35 -8.10
N HIS B 350 -29.03 30.83 -9.32
CA HIS B 350 -28.29 31.34 -10.47
C HIS B 350 -28.50 32.83 -10.79
N ASP B 351 -29.42 33.49 -10.07
CA ASP B 351 -29.86 34.86 -10.38
C ASP B 351 -29.66 35.86 -9.23
N GLY B 352 -29.05 35.39 -8.14
CA GLY B 352 -28.70 36.26 -7.02
C GLY B 352 -29.72 36.24 -5.92
N LYS B 353 -30.59 35.23 -5.97
CA LYS B 353 -31.60 35.04 -4.94
C LYS B 353 -31.18 33.89 -4.08
N GLY B 354 -31.12 34.16 -2.78
CA GLY B 354 -30.89 33.11 -1.81
C GLY B 354 -32.01 32.10 -1.95
N MET B 355 -31.68 30.83 -1.84
CA MET B 355 -32.67 29.77 -1.94
C MET B 355 -33.08 29.31 -0.56
N TYR B 356 -32.14 29.32 0.36
CA TYR B 356 -32.38 28.85 1.71
C TYR B 356 -31.19 29.14 2.61
N SER B 357 -31.39 28.86 3.89
CA SER B 357 -30.33 28.85 4.87
C SER B 357 -30.70 27.83 5.92
N THR B 358 -29.81 26.89 6.21
CA THR B 358 -30.04 25.93 7.27
C THR B 358 -29.95 26.62 8.65
N GLY B 359 -29.45 27.86 8.64
CA GLY B 359 -29.30 28.66 9.86
C GLY B 359 -28.24 28.10 10.78
N LEU B 360 -27.59 27.03 10.35
CA LEU B 360 -26.58 26.35 11.16
C LEU B 360 -25.29 27.17 11.19
N GLY B 361 -25.25 28.18 10.33
CA GLY B 361 -24.26 29.21 10.42
C GLY B 361 -22.95 28.84 9.78
N HIS B 362 -21.95 29.67 10.06
CA HIS B 362 -20.63 29.57 9.48
C HIS B 362 -19.91 28.27 9.78
N GLY B 363 -19.23 27.76 8.75
CA GLY B 363 -18.42 26.56 8.86
C GLY B 363 -17.10 26.67 8.12
N ASP B 364 -16.29 25.63 8.21
CA ASP B 364 -14.94 25.67 7.67
C ASP B 364 -14.72 24.67 6.52
N ALA B 365 -15.52 23.62 6.52
CA ALA B 365 -15.50 22.62 5.46
C ALA B 365 -16.89 22.55 4.86
N LEU B 366 -16.97 22.12 3.62
CA LEU B 366 -18.22 22.11 2.86
C LEU B 366 -18.03 21.17 1.68
N HIS B 367 -18.91 20.20 1.53
CA HIS B 367 -18.81 19.24 0.43
C HIS B 367 -20.13 19.07 -0.28
N THR B 368 -20.19 19.67 -1.45
CA THR B 368 -21.33 19.60 -2.34
C THR B 368 -20.97 18.62 -3.44
N GLY B 369 -21.76 17.56 -3.54
CA GLY B 369 -21.59 16.54 -4.55
C GLY B 369 -22.71 15.53 -4.45
N ASP B 370 -22.57 14.46 -5.22
CA ASP B 370 -23.51 13.36 -5.12
C ASP B 370 -23.01 12.44 -4.02
N LEU B 371 -23.37 12.78 -2.79
CA LEU B 371 -22.84 12.07 -1.62
C LEU B 371 -23.68 10.83 -1.35
N ASP B 372 -24.97 10.93 -1.65
CA ASP B 372 -25.87 9.79 -1.59
C ASP B 372 -26.55 9.51 -2.94
N PRO B 373 -26.05 8.51 -3.68
CA PRO B 373 -26.59 8.22 -5.01
C PRO B 373 -28.00 7.64 -4.91
N GLY B 374 -28.32 7.06 -3.75
CA GLY B 374 -29.68 6.62 -3.41
C GLY B 374 -30.72 7.73 -3.59
N ARG B 375 -30.35 8.95 -3.24
CA ARG B 375 -31.21 10.09 -3.48
C ARG B 375 -30.83 10.77 -4.78
N PRO B 376 -31.83 11.03 -5.64
CA PRO B 376 -31.54 11.90 -6.79
C PRO B 376 -31.14 13.29 -6.33
N GLY B 377 -30.24 13.93 -7.07
CA GLY B 377 -29.81 15.28 -6.75
C GLY B 377 -28.65 15.31 -5.78
N LEU B 378 -28.04 16.47 -5.63
CA LEU B 378 -26.82 16.58 -4.86
C LEU B 378 -27.08 16.82 -3.37
N GLU B 379 -26.13 16.40 -2.54
CA GLU B 379 -26.20 16.67 -1.12
C GLU B 379 -25.05 17.58 -0.75
N VAL B 380 -25.23 18.36 0.31
CA VAL B 380 -24.15 19.17 0.85
C VAL B 380 -23.81 18.63 2.22
N PHE B 381 -22.57 18.24 2.43
CA PHE B 381 -22.14 17.86 3.78
C PHE B 381 -21.27 18.97 4.32
N GLN B 382 -21.69 19.52 5.45
CA GLN B 382 -21.04 20.69 6.00
C GLN B 382 -20.71 20.45 7.45
N VAL B 383 -19.69 21.14 7.95
CA VAL B 383 -19.43 21.15 9.37
C VAL B 383 -19.57 22.57 9.88
N HIS B 384 -19.67 22.73 11.19
CA HIS B 384 -20.04 24.03 11.75
C HIS B 384 -19.21 24.48 12.91
N GLU B 385 -19.00 25.78 12.95
CA GLU B 385 -18.12 26.42 13.91
C GLU B 385 -18.84 26.76 15.20
N ASP B 386 -20.11 27.14 15.10
CA ASP B 386 -20.88 27.50 16.27
C ASP B 386 -21.07 26.31 17.20
N LYS B 387 -20.39 26.34 18.35
CA LYS B 387 -20.47 25.27 19.35
C LYS B 387 -21.90 25.08 19.86
N ASN B 388 -22.74 26.09 19.67
CA ASN B 388 -24.16 26.00 20.04
C ASN B 388 -25.13 25.80 18.89
N ALA B 389 -24.63 25.25 17.77
CA ALA B 389 -25.50 24.89 16.65
C ALA B 389 -26.19 23.56 16.98
N LYS B 390 -27.40 23.39 16.45
CA LYS B 390 -28.18 22.16 16.56
C LYS B 390 -27.29 20.94 16.23
N TYR B 391 -26.49 21.11 15.16
CA TYR B 391 -25.59 20.08 14.66
C TYR B 391 -24.25 20.69 14.35
N GLY B 392 -23.20 20.01 14.79
CA GLY B 392 -21.83 20.36 14.39
C GLY B 392 -21.52 19.88 12.99
N LEU B 393 -22.20 18.83 12.56
CA LEU B 393 -22.08 18.36 11.20
C LEU B 393 -23.45 18.09 10.63
N SER B 394 -23.70 18.66 9.46
CA SER B 394 -24.98 18.51 8.77
C SER B 394 -24.83 17.91 7.38
N PHE B 395 -25.76 17.01 7.06
CA PHE B 395 -25.87 16.40 5.75
C PHE B 395 -27.25 16.79 5.19
N ARG B 396 -27.24 17.62 4.16
CA ARG B 396 -28.50 18.14 3.64
C ARG B 396 -28.70 17.83 2.19
N ASP B 397 -29.95 17.94 1.75
CA ASP B 397 -30.28 18.07 0.34
C ASP B 397 -29.72 19.41 -0.11
N ALA B 398 -28.98 19.38 -1.20
CA ALA B 398 -28.30 20.56 -1.71
C ALA B 398 -29.25 21.56 -2.32
N ALA B 399 -30.29 21.05 -2.97
CA ALA B 399 -31.23 21.87 -3.74
C ALA B 399 -32.20 22.60 -2.82
N THR B 400 -32.66 21.88 -1.80
CA THR B 400 -33.69 22.38 -0.91
C THR B 400 -33.12 22.81 0.43
N GLY B 401 -31.99 22.25 0.82
CA GLY B 401 -31.37 22.59 2.11
C GLY B 401 -31.88 21.79 3.29
N LYS B 402 -32.84 20.90 3.05
CA LYS B 402 -33.40 20.09 4.12
C LYS B 402 -32.31 19.20 4.70
N ILE B 403 -32.09 19.31 6.00
CA ILE B 403 -31.10 18.48 6.69
C ILE B 403 -31.61 17.05 6.68
N LEU B 404 -30.90 16.18 5.98
CA LEU B 404 -31.29 14.77 5.90
C LEU B 404 -30.97 14.08 7.22
N TRP B 405 -29.83 14.46 7.80
CA TRP B 405 -29.43 14.03 9.14
C TRP B 405 -28.30 14.93 9.55
N GLY B 406 -28.13 15.06 10.85
CA GLY B 406 -27.06 15.86 11.42
C GLY B 406 -26.67 15.33 12.78
N VAL B 407 -25.48 15.67 13.24
CA VAL B 407 -25.02 15.23 14.54
C VAL B 407 -24.67 16.45 15.36
N TYR B 408 -25.31 16.60 16.51
CA TYR B 408 -24.90 17.59 17.47
C TYR B 408 -23.47 17.26 17.88
N ALA B 409 -22.64 18.29 17.94
CA ALA B 409 -21.26 18.15 18.36
C ALA B 409 -21.01 18.89 19.64
N GLY B 410 -21.64 20.04 19.81
CA GLY B 410 -21.44 20.86 21.01
C GLY B 410 -20.15 21.66 21.03
N LYS B 411 -19.28 21.39 20.07
CA LYS B 411 -18.04 22.13 19.91
C LYS B 411 -17.97 22.65 18.49
N ASP B 412 -16.89 23.36 18.21
CA ASP B 412 -16.60 23.84 16.88
C ASP B 412 -15.98 22.68 16.08
N VAL B 413 -16.75 22.13 15.14
CA VAL B 413 -16.26 21.09 14.25
C VAL B 413 -15.61 21.74 13.04
N GLY B 414 -14.29 21.71 13.02
CA GLY B 414 -13.54 22.49 12.06
C GLY B 414 -13.30 21.77 10.76
N ARG B 415 -13.48 20.45 10.78
CA ARG B 415 -13.11 19.64 9.63
C ARG B 415 -14.16 18.62 9.32
N GLY B 416 -14.47 18.52 8.03
CA GLY B 416 -15.47 17.60 7.56
C GLY B 416 -15.05 17.08 6.21
N MET B 417 -15.23 15.78 6.02
CA MET B 417 -14.89 15.16 4.76
C MET B 417 -15.98 14.26 4.24
N ALA B 418 -16.03 14.16 2.92
CA ALA B 418 -16.98 13.30 2.24
C ALA B 418 -16.23 12.57 1.13
N ALA B 419 -16.38 11.26 1.05
CA ALA B 419 -15.77 10.45 0.01
C ALA B 419 -16.24 9.02 0.14
N ASP B 420 -16.43 8.34 -0.99
CA ASP B 420 -16.76 6.94 -0.92
C ASP B 420 -15.51 6.16 -0.53
N ILE B 421 -15.40 5.85 0.76
CA ILE B 421 -14.26 5.12 1.28
C ILE B 421 -14.66 3.71 1.69
N ASP B 422 -15.95 3.44 1.73
CA ASP B 422 -16.44 2.15 2.17
C ASP B 422 -17.52 1.69 1.23
N PRO B 423 -17.28 0.59 0.52
CA PRO B 423 -18.20 0.09 -0.49
C PRO B 423 -19.33 -0.77 0.10
N ARG B 424 -19.29 -1.02 1.40
CA ARG B 424 -20.37 -1.76 2.04
C ARG B 424 -21.55 -0.84 2.29
N TYR B 425 -21.30 0.46 2.26
CA TYR B 425 -22.37 1.44 2.39
C TYR B 425 -22.41 2.25 1.12
N PRO B 426 -23.55 2.25 0.41
CA PRO B 426 -23.60 2.90 -0.89
C PRO B 426 -23.41 4.40 -0.77
N GLY B 427 -22.72 4.99 -1.73
CA GLY B 427 -22.50 6.42 -1.72
C GLY B 427 -21.33 6.82 -0.85
N GLN B 428 -21.13 8.12 -0.74
CA GLN B 428 -19.96 8.66 -0.08
C GLN B 428 -20.20 8.70 1.42
N GLU B 429 -19.33 8.04 2.17
CA GLU B 429 -19.30 8.23 3.60
C GLU B 429 -18.80 9.63 3.88
N VAL B 430 -19.23 10.17 5.00
CA VAL B 430 -18.74 11.47 5.44
C VAL B 430 -18.13 11.24 6.82
N TRP B 431 -17.31 12.19 7.26
CA TRP B 431 -16.79 12.13 8.62
C TRP B 431 -16.36 13.48 9.13
N ALA B 432 -16.59 13.65 10.43
CA ALA B 432 -16.27 14.87 11.14
C ALA B 432 -16.38 14.55 12.62
N ASN B 433 -15.61 15.28 13.42
CA ASN B 433 -15.69 15.19 14.87
C ASN B 433 -15.57 13.73 15.38
N GLY B 434 -14.63 12.99 14.78
CA GLY B 434 -14.29 11.66 15.26
C GLY B 434 -15.14 10.47 14.85
N SER B 435 -16.21 10.71 14.10
CA SER B 435 -17.04 9.59 13.65
C SER B 435 -17.17 9.55 12.15
N LEU B 436 -17.18 8.33 11.63
CA LEU B 436 -17.42 8.06 10.22
C LEU B 436 -18.88 7.62 10.05
N TYR B 437 -19.54 8.22 9.07
CA TYR B 437 -20.95 8.00 8.82
C TYR B 437 -21.20 7.59 7.40
N SER B 438 -22.17 6.69 7.19
CA SER B 438 -22.64 6.42 5.85
C SER B 438 -23.46 7.64 5.39
N ALA B 439 -23.82 7.68 4.13
CA ALA B 439 -24.56 8.80 3.58
C ALA B 439 -25.92 8.93 4.27
N LYS B 440 -26.37 7.84 4.89
CA LYS B 440 -27.65 7.78 5.62
C LYS B 440 -27.50 8.17 7.09
N GLY B 441 -26.30 8.56 7.49
CA GLY B 441 -26.05 9.02 8.84
C GLY B 441 -25.74 7.91 9.81
N VAL B 442 -25.62 6.68 9.31
CA VAL B 442 -25.32 5.54 10.17
C VAL B 442 -23.82 5.56 10.52
N LYS B 443 -23.54 5.70 11.81
CA LYS B 443 -22.19 5.63 12.34
C LYS B 443 -21.60 4.28 12.00
N ILE B 444 -20.51 4.30 11.24
CA ILE B 444 -19.81 3.08 10.82
C ILE B 444 -18.66 2.76 11.78
N GLY B 445 -18.81 1.66 12.50
CA GLY B 445 -17.82 1.23 13.50
C GLY B 445 -17.36 2.35 14.40
N SER B 446 -16.11 2.23 14.86
CA SER B 446 -15.43 3.32 15.54
C SER B 446 -14.28 3.73 14.64
N GLY B 447 -13.69 4.88 14.90
CA GLY B 447 -12.56 5.32 14.09
C GLY B 447 -12.93 6.02 12.80
N VAL B 448 -12.15 7.05 12.47
CA VAL B 448 -12.25 7.79 11.23
C VAL B 448 -10.93 7.69 10.48
N PRO B 449 -10.96 8.04 9.18
CA PRO B 449 -9.70 8.23 8.48
C PRO B 449 -8.85 9.23 9.24
N SER B 450 -7.55 9.07 9.15
CA SER B 450 -6.58 9.85 9.92
C SER B 450 -6.52 11.30 9.47
N SER B 451 -7.24 11.63 8.40
CA SER B 451 -7.28 12.99 7.88
C SER B 451 -8.70 13.41 7.60
N THR B 452 -8.93 14.71 7.66
CA THR B 452 -10.24 15.25 7.35
C THR B 452 -9.99 16.53 6.62
N ASN B 453 -9.68 16.41 5.34
CA ASN B 453 -9.14 17.52 4.58
C ASN B 453 -9.56 17.44 3.12
N PHE B 454 -8.80 16.69 2.35
CA PHE B 454 -9.13 16.48 0.96
C PHE B 454 -9.47 15.04 0.72
N GLY B 455 -10.33 14.81 -0.25
CA GLY B 455 -10.51 13.50 -0.83
C GLY B 455 -9.91 13.60 -2.21
N ILE B 456 -9.22 12.55 -2.61
CA ILE B 456 -8.56 12.51 -3.90
C ILE B 456 -8.80 11.14 -4.53
N TRP B 457 -9.24 11.12 -5.78
CA TRP B 457 -9.16 9.87 -6.56
C TRP B 457 -7.73 9.63 -7.02
N TRP B 458 -7.09 8.67 -6.38
CA TRP B 458 -5.69 8.44 -6.57
C TRP B 458 -5.41 7.06 -7.12
N ASP B 459 -5.94 6.02 -6.49
CA ASP B 459 -5.67 4.68 -7.01
C ASP B 459 -6.70 4.20 -8.06
N GLY B 460 -6.66 2.90 -8.32
CA GLY B 460 -7.41 2.29 -9.43
C GLY B 460 -8.86 2.01 -9.16
N ASP B 461 -9.22 1.81 -7.91
CA ASP B 461 -10.63 1.62 -7.58
C ASP B 461 -11.42 2.94 -7.61
N LEU B 462 -12.72 2.87 -7.37
CA LEU B 462 -13.56 4.03 -7.48
C LEU B 462 -13.78 4.70 -6.14
N LEU B 463 -13.31 4.04 -5.09
CA LEU B 463 -13.26 4.61 -3.78
C LEU B 463 -12.36 5.84 -3.82
N ARG B 464 -12.66 6.84 -3.01
CA ARG B 464 -11.80 8.00 -2.97
C ARG B 464 -10.83 7.84 -1.81
N GLU B 465 -9.60 8.33 -2.04
CA GLU B 465 -8.55 8.28 -1.06
C GLU B 465 -8.48 9.63 -0.37
N GLN B 466 -7.76 9.69 0.74
CA GLN B 466 -7.71 10.91 1.53
C GLN B 466 -6.43 11.62 1.28
N LEU B 467 -6.49 12.94 1.18
CA LEU B 467 -5.29 13.75 1.08
C LEU B 467 -5.26 14.74 2.20
N ASP B 468 -4.09 14.82 2.82
CA ASP B 468 -3.83 15.72 3.93
C ASP B 468 -2.35 16.03 3.92
N SER B 469 -2.03 17.33 3.97
CA SER B 469 -0.69 17.86 3.75
C SER B 469 -0.03 17.12 2.58
N ASN B 470 1.13 16.54 2.82
CA ASN B 470 1.90 15.91 1.74
C ASN B 470 1.61 14.41 1.61
N ARG B 471 0.47 13.96 2.13
CA ARG B 471 0.14 12.52 2.15
C ARG B 471 -1.12 12.20 1.38
N ILE B 472 -1.13 11.03 0.73
CA ILE B 472 -2.37 10.42 0.27
C ILE B 472 -2.59 9.10 1.02
N ASP B 473 -3.71 9.02 1.74
CA ASP B 473 -4.04 7.82 2.48
C ASP B 473 -5.18 7.07 1.82
N LYS B 474 -5.31 5.81 2.20
CA LYS B 474 -6.38 4.94 1.76
C LYS B 474 -7.01 4.40 3.02
N TRP B 475 -8.33 4.42 3.07
CA TRP B 475 -9.05 3.91 4.22
C TRP B 475 -9.38 2.43 4.01
N ASP B 476 -8.89 1.59 4.93
CA ASP B 476 -9.22 0.17 4.95
C ASP B 476 -10.48 0.04 5.77
N TYR B 477 -11.59 -0.22 5.07
CA TYR B 477 -12.91 -0.17 5.67
C TYR B 477 -13.24 -1.42 6.48
N GLN B 478 -12.66 -2.56 6.09
CA GLN B 478 -12.76 -3.80 6.85
C GLN B 478 -12.27 -3.61 8.26
N ASN B 479 -11.13 -2.95 8.43
CA ASN B 479 -10.50 -2.87 9.75
C ASN B 479 -10.56 -1.50 10.39
N GLY B 480 -11.27 -0.60 9.73
CA GLY B 480 -11.46 0.74 10.24
C GLY B 480 -10.16 1.47 10.49
N VAL B 481 -9.28 1.47 9.49
CA VAL B 481 -7.99 2.11 9.69
C VAL B 481 -7.42 2.76 8.44
N SER B 482 -6.82 3.94 8.62
CA SER B 482 -6.20 4.67 7.52
C SER B 482 -4.78 4.19 7.23
N LYS B 483 -4.55 3.82 5.97
CA LYS B 483 -3.24 3.41 5.50
C LYS B 483 -2.70 4.40 4.48
N ASN B 484 -1.47 4.84 4.69
CA ASN B 484 -0.82 5.75 3.77
C ASN B 484 -0.51 5.05 2.46
N MET B 485 -0.61 5.82 1.39
CA MET B 485 -0.48 5.30 0.04
C MET B 485 0.66 6.06 -0.66
N LEU B 486 0.74 7.36 -0.40
CA LEU B 486 1.84 8.20 -0.86
C LEU B 486 2.17 9.16 0.25
N THR B 487 3.47 9.30 0.53
CA THR B 487 3.96 10.41 1.34
C THR B 487 4.93 11.16 0.42
N ALA B 488 4.57 12.38 0.07
CA ALA B 488 5.38 13.12 -0.89
C ALA B 488 6.55 13.82 -0.19
N SER B 489 7.70 13.13 -0.15
CA SER B 489 8.92 13.67 0.46
C SER B 489 9.30 15.00 -0.16
N GLY B 490 9.59 15.96 0.70
CA GLY B 490 10.08 17.26 0.25
C GLY B 490 8.99 18.08 -0.39
N ALA B 491 7.76 17.58 -0.35
CA ALA B 491 6.61 18.36 -0.74
C ALA B 491 6.02 18.96 0.52
N ALA B 492 5.54 20.19 0.42
CA ALA B 492 4.90 20.85 1.55
C ALA B 492 3.50 21.35 1.20
N ALA B 493 2.56 21.08 2.10
CA ALA B 493 1.22 21.68 2.03
C ALA B 493 1.31 23.14 2.46
N ASN B 494 0.22 23.86 2.27
CA ASN B 494 0.20 25.29 2.56
C ASN B 494 -0.68 25.62 3.74
N ASN B 495 -0.74 26.92 4.05
CA ASN B 495 -1.73 27.48 4.96
C ASN B 495 -1.78 26.82 6.32
N GLY B 496 -0.62 26.51 6.87
CA GLY B 496 -0.48 26.02 8.22
C GLY B 496 -1.24 24.72 8.40
N THR B 497 -2.08 24.69 9.44
CA THR B 497 -2.78 23.45 9.83
C THR B 497 -3.82 23.01 8.81
N LYS B 498 -4.32 23.95 8.01
CA LYS B 498 -5.15 23.60 6.85
C LYS B 498 -4.43 22.56 6.04
N ALA B 499 -3.13 22.77 5.81
CA ALA B 499 -2.28 21.79 5.14
C ALA B 499 -2.87 21.40 3.78
N THR B 500 -3.04 22.40 2.94
CA THR B 500 -3.65 22.21 1.63
C THR B 500 -2.57 22.16 0.54
N PRO B 501 -2.78 21.36 -0.51
CA PRO B 501 -1.83 21.36 -1.59
C PRO B 501 -1.96 22.67 -2.36
N THR B 502 -1.03 22.95 -3.27
CA THR B 502 -1.13 24.15 -4.08
C THR B 502 -2.38 24.02 -4.98
N LEU B 503 -2.71 22.79 -5.32
CA LEU B 503 -3.81 22.48 -6.18
C LEU B 503 -3.90 20.97 -6.25
N GLN B 504 -5.13 20.46 -6.21
CA GLN B 504 -5.42 19.09 -6.53
C GLN B 504 -6.42 19.16 -7.67
N ALA B 505 -6.09 18.52 -8.78
CA ALA B 505 -6.92 18.61 -9.97
C ALA B 505 -6.53 17.54 -10.93
N ASP B 506 -7.52 17.00 -11.64
CA ASP B 506 -7.24 16.25 -12.84
C ASP B 506 -6.66 17.20 -13.87
N LEU B 507 -5.36 17.43 -13.81
CA LEU B 507 -4.69 18.34 -14.72
C LEU B 507 -4.23 17.66 -16.00
N LEU B 508 -3.96 16.36 -15.89
CA LEU B 508 -3.28 15.58 -16.92
C LEU B 508 -3.77 14.17 -16.76
N GLY B 509 -3.38 13.32 -17.70
CA GLY B 509 -3.59 11.89 -17.55
C GLY B 509 -5.04 11.50 -17.60
N ASP B 510 -5.32 10.27 -17.17
CA ASP B 510 -6.69 9.78 -17.03
C ASP B 510 -7.39 10.50 -15.89
N TRP B 511 -8.54 9.96 -15.49
CA TRP B 511 -9.43 10.64 -14.58
C TRP B 511 -8.90 10.85 -13.16
N ARG B 512 -7.93 10.06 -12.71
CA ARG B 512 -7.37 10.28 -11.37
C ARG B 512 -6.78 11.68 -11.21
N GLU B 513 -6.78 12.20 -9.99
CA GLU B 513 -6.40 13.58 -9.77
C GLU B 513 -4.92 13.75 -9.50
N GLU B 514 -4.37 14.85 -10.02
CA GLU B 514 -2.98 15.23 -9.77
C GLU B 514 -2.92 16.10 -8.55
N VAL B 515 -1.80 16.03 -7.84
CA VAL B 515 -1.60 16.91 -6.69
C VAL B 515 -0.45 17.85 -7.00
N VAL B 516 -0.74 19.14 -7.04
CA VAL B 516 0.31 20.14 -7.14
C VAL B 516 0.69 20.54 -5.71
N TRP B 517 1.91 20.20 -5.32
CA TRP B 517 2.48 20.69 -4.07
C TRP B 517 3.64 21.61 -4.37
N ARG B 518 3.86 22.60 -3.52
CA ARG B 518 5.11 23.33 -3.56
C ARG B 518 6.19 22.46 -2.92
N THR B 519 7.44 22.78 -3.18
CA THR B 519 8.52 22.21 -2.42
C THR B 519 8.61 23.01 -1.14
N GLU B 520 9.41 22.55 -0.18
CA GLU B 520 9.53 23.25 1.09
C GLU B 520 10.04 24.67 0.94
N ASP B 521 10.80 24.94 -0.12
CA ASP B 521 11.33 26.28 -0.33
C ASP B 521 10.65 27.03 -1.48
N SER B 522 9.51 26.53 -1.94
CA SER B 522 8.75 27.16 -3.03
C SER B 522 9.63 27.50 -4.24
N SER B 523 10.66 26.70 -4.49
CA SER B 523 11.48 26.89 -5.68
C SER B 523 10.79 26.24 -6.87
N ALA B 524 9.91 25.29 -6.57
CA ALA B 524 9.21 24.54 -7.59
C ALA B 524 7.83 24.13 -7.12
N LEU B 525 6.91 24.03 -8.07
CA LEU B 525 5.69 23.26 -7.86
C LEU B 525 5.94 21.84 -8.38
N ARG B 526 5.34 20.85 -7.72
CA ARG B 526 5.50 19.46 -8.09
C ARG B 526 4.15 18.85 -8.43
N ILE B 527 3.93 18.57 -9.70
CA ILE B 527 2.69 17.94 -10.09
C ILE B 527 2.90 16.43 -10.03
N TYR B 528 2.23 15.81 -9.06
CA TYR B 528 2.24 14.36 -8.92
C TYR B 528 1.05 13.79 -9.65
N THR B 529 1.29 12.77 -10.46
CA THR B 529 0.20 12.03 -11.07
C THR B 529 0.29 10.56 -10.66
N THR B 530 -0.86 9.89 -10.61
CA THR B 530 -0.92 8.49 -10.21
C THR B 530 -0.35 7.56 -11.28
N THR B 531 0.32 6.51 -10.81
CA THR B 531 0.81 5.44 -11.67
C THR B 531 0.11 4.11 -11.39
N ILE B 532 -0.94 4.14 -10.56
CA ILE B 532 -1.70 2.94 -10.25
C ILE B 532 -2.74 2.69 -11.35
N PRO B 533 -2.64 1.52 -12.03
CA PRO B 533 -3.52 1.25 -13.16
C PRO B 533 -4.97 1.17 -12.72
N THR B 534 -5.87 1.52 -13.62
CA THR B 534 -7.29 1.36 -13.34
C THR B 534 -7.96 0.72 -14.54
N GLU B 535 -8.90 -0.20 -14.32
CA GLU B 535 -9.69 -0.70 -15.43
C GLU B 535 -10.85 0.26 -15.77
N HIS B 536 -10.90 1.38 -15.05
CA HIS B 536 -11.95 2.36 -15.27
C HIS B 536 -11.48 3.47 -16.15
N ARG B 537 -12.26 3.71 -17.20
CA ARG B 537 -12.11 4.88 -18.03
C ARG B 537 -13.23 5.85 -17.71
N LEU B 538 -12.84 7.09 -17.40
CA LEU B 538 -13.78 8.13 -17.07
C LEU B 538 -13.38 9.41 -17.78
N TYR B 539 -14.37 10.16 -18.23
CA TYR B 539 -14.11 11.48 -18.81
C TYR B 539 -13.29 12.33 -17.87
N THR B 540 -12.34 13.09 -18.43
CA THR B 540 -11.53 13.97 -17.60
C THR B 540 -12.41 14.77 -16.64
N LEU B 541 -11.97 14.85 -15.40
CA LEU B 541 -12.78 15.48 -14.38
C LEU B 541 -12.92 16.97 -14.65
N MET B 542 -11.98 17.52 -15.43
CA MET B 542 -11.98 18.94 -15.80
C MET B 542 -13.05 19.25 -16.84
N HIS B 543 -13.74 18.20 -17.28
CA HIS B 543 -14.88 18.33 -18.16
C HIS B 543 -16.16 18.04 -17.42
N ASP B 544 -16.06 17.72 -16.13
CA ASP B 544 -17.24 17.65 -15.30
C ASP B 544 -17.59 19.07 -14.87
N PRO B 545 -18.88 19.45 -14.95
CA PRO B 545 -19.23 20.84 -14.68
C PRO B 545 -18.98 21.24 -13.23
N VAL B 546 -19.18 20.35 -12.27
CA VAL B 546 -18.99 20.73 -10.87
C VAL B 546 -17.51 20.67 -10.49
N TYR B 547 -16.87 19.57 -10.85
CA TYR B 547 -15.46 19.39 -10.60
C TYR B 547 -14.63 20.54 -11.15
N ARG B 548 -14.95 20.98 -12.36
CA ARG B 548 -14.17 22.04 -12.99
C ARG B 548 -14.27 23.35 -12.19
N LEU B 549 -15.49 23.74 -11.84
CA LEU B 549 -15.67 24.93 -11.00
C LEU B 549 -15.07 24.68 -9.63
N GLY B 550 -15.08 23.42 -9.19
CA GLY B 550 -14.38 23.03 -7.97
C GLY B 550 -12.96 23.54 -7.99
N ILE B 551 -12.26 23.26 -9.09
CA ILE B 551 -10.90 23.74 -9.25
C ILE B 551 -10.83 25.26 -9.25
N ALA B 552 -11.70 25.90 -10.02
CA ALA B 552 -11.71 27.36 -10.10
C ALA B 552 -11.75 27.99 -8.72
N TRP B 553 -12.52 27.39 -7.81
CA TRP B 553 -12.68 27.97 -6.47
C TRP B 553 -11.82 27.31 -5.40
N GLN B 554 -11.05 26.30 -5.78
CA GLN B 554 -10.27 25.54 -4.80
C GLN B 554 -9.45 26.46 -3.94
N ASN B 555 -8.85 27.46 -4.57
CA ASN B 555 -7.95 28.35 -3.88
C ASN B 555 -8.64 29.22 -2.84
N ILE B 556 -9.90 29.56 -3.05
CA ILE B 556 -10.49 30.60 -2.22
C ILE B 556 -10.49 30.21 -0.75
N ALA B 557 -10.12 31.17 0.07
CA ALA B 557 -10.13 31.05 1.53
C ALA B 557 -9.64 29.66 1.99
N TYR B 558 -10.43 28.90 2.76
CA TYR B 558 -9.99 27.58 3.14
C TYR B 558 -10.31 26.57 2.05
N ASN B 559 -9.30 26.30 1.23
CA ASN B 559 -9.38 25.34 0.12
C ASN B 559 -10.13 24.07 0.47
N GLN B 560 -11.05 23.65 -0.39
CA GLN B 560 -11.78 22.40 -0.22
C GLN B 560 -11.52 21.50 -1.42
N PRO B 561 -11.58 20.17 -1.23
CA PRO B 561 -11.39 19.29 -2.37
C PRO B 561 -12.55 19.43 -3.37
N PRO B 562 -12.29 19.16 -4.66
CA PRO B 562 -13.34 19.20 -5.67
C PRO B 562 -14.22 17.96 -5.60
N HIS B 563 -15.40 18.07 -6.17
CA HIS B 563 -16.30 16.93 -6.28
C HIS B 563 -16.85 16.86 -7.68
N THR B 564 -17.32 15.69 -8.03
CA THR B 564 -17.86 15.46 -9.35
C THR B 564 -19.35 15.70 -9.27
N SER B 565 -19.92 16.25 -10.34
CA SER B 565 -21.38 16.44 -10.46
C SER B 565 -22.20 15.15 -10.39
N PHE B 566 -21.51 14.01 -10.54
CA PHE B 566 -22.12 12.68 -10.48
C PHE B 566 -21.44 11.87 -9.39
N PHE B 567 -22.09 10.80 -8.93
CA PHE B 567 -21.48 9.92 -7.94
C PHE B 567 -20.38 9.07 -8.56
N LEU B 568 -19.15 9.46 -8.30
CA LEU B 568 -18.01 8.65 -8.66
C LEU B 568 -17.61 7.87 -7.41
N GLY B 569 -17.86 6.57 -7.42
CA GLY B 569 -17.55 5.71 -6.30
C GLY B 569 -17.96 4.30 -6.58
N ASP B 570 -17.76 3.39 -5.63
CA ASP B 570 -18.10 2.00 -5.84
C ASP B 570 -19.58 1.89 -6.11
N GLY B 571 -19.94 1.16 -7.16
CA GLY B 571 -21.33 0.92 -7.46
C GLY B 571 -21.98 2.07 -8.17
N MET B 572 -21.16 2.95 -8.73
CA MET B 572 -21.62 4.09 -9.48
C MET B 572 -22.32 3.66 -10.78
N ALA B 573 -23.18 4.54 -11.27
CA ALA B 573 -23.80 4.41 -12.57
C ALA B 573 -22.74 4.68 -13.64
N GLU B 574 -23.01 4.26 -14.88
CA GLU B 574 -22.20 4.66 -16.02
C GLU B 574 -22.14 6.19 -16.01
N GLN B 575 -20.95 6.76 -16.18
CA GLN B 575 -20.81 8.20 -16.05
C GLN B 575 -21.38 8.92 -17.27
N PRO B 576 -22.17 9.99 -17.03
CA PRO B 576 -22.85 10.64 -18.15
C PRO B 576 -21.84 11.24 -19.13
N LYS B 577 -22.11 11.09 -20.43
CA LYS B 577 -21.33 11.78 -21.45
C LYS B 577 -21.59 13.30 -21.31
N PRO B 578 -20.52 14.09 -21.08
CA PRO B 578 -20.63 15.52 -20.79
C PRO B 578 -21.24 16.40 -21.90
N ASN B 579 -22.19 17.24 -21.49
CA ASN B 579 -22.88 18.14 -22.39
C ASN B 579 -22.11 19.47 -22.48
N MET B 580 -21.17 19.53 -23.43
CA MET B 580 -20.24 20.65 -23.51
C MET B 580 -19.91 21.04 -24.94
N TYR B 581 -19.62 22.32 -25.11
CA TYR B 581 -19.05 22.80 -26.36
C TYR B 581 -17.72 23.47 -26.02
N THR B 582 -16.92 23.70 -27.05
CA THR B 582 -15.60 24.29 -26.90
C THR B 582 -15.55 25.69 -27.52
N PRO B 583 -14.74 26.60 -26.96
CA PRO B 583 -14.67 27.89 -27.62
C PRO B 583 -13.57 27.95 -28.69
C1 ADA C . 7.58 -26.60 -14.02
C2 ADA C . 6.45 -26.16 -13.07
C3 ADA C . 6.91 -26.31 -11.61
C4 ADA C . 7.22 -27.79 -11.34
C5 ADA C . 8.45 -28.11 -12.22
C6 ADA C . 8.89 -29.57 -12.02
O1 ADA C . 8.64 -25.64 -14.08
O2 ADA C . 6.03 -24.83 -13.37
O3 ADA C . 5.92 -25.86 -10.67
O4 ADA C . 6.04 -28.56 -11.68
O5 ADA C . 8.19 -27.88 -13.64
O6B ADA C . 9.25 -29.95 -10.90
O6A ADA C . 8.86 -30.32 -13.01
C1 ADA C . 5.80 -29.68 -10.81
C2 ADA C . 5.11 -30.80 -11.61
C3 ADA C . 3.70 -30.34 -12.08
C4 ADA C . 2.89 -29.76 -10.91
C5 ADA C . 3.70 -28.64 -10.28
C6 ADA C . 2.93 -28.04 -9.15
O2 ADA C . 5.91 -31.16 -12.74
O3 ADA C . 2.98 -31.41 -12.71
O4 ADA C . 2.66 -30.77 -9.91
O5 ADA C . 4.94 -29.20 -9.77
O6B ADA C . 2.85 -28.69 -8.08
O6A ADA C . 2.40 -26.93 -9.36
C1 ADA D . -6.07 30.71 12.87
C2 ADA D . -5.51 29.52 12.02
C3 ADA D . -6.36 29.26 10.75
C4 ADA D . -7.83 29.15 11.10
C5 ADA D . -8.11 30.50 11.78
C6 ADA D . -9.60 30.80 11.88
O1 ADA D . -5.86 32.01 12.26
O2 ADA D . -4.17 29.77 11.63
O3 ADA D . -5.95 28.03 10.11
O4 ADA D . -7.93 28.02 11.96
O5 ADA D . -7.48 30.54 13.10
O6B ADA D . -10.30 30.67 10.85
O6A ADA D . -10.02 31.18 13.00
C1 ADA D . -9.15 27.31 11.86
C2 ADA D . -9.64 27.09 13.28
C3 ADA D . -8.77 26.05 14.02
C4 ADA D . -8.53 24.77 13.16
C5 ADA D . -7.94 25.20 11.82
C6 ADA D . -7.62 23.99 10.93
O2 ADA D . -9.59 28.34 13.98
O3 ADA D . -9.36 25.73 15.28
O4 ADA D . -9.76 24.07 12.92
O5 ADA D . -8.92 26.05 11.19
O6B ADA D . -8.46 23.62 10.09
O6A ADA D . -6.52 23.42 11.11
CA CA E . 9.71 -33.76 -9.12
CA CA F . 11.25 -22.84 -2.52
CA CA G . -6.65 -26.99 13.90
CA CA H . 1.67 -18.39 16.64
CA CA I . 15.90 -10.62 16.29
CA CA J . 18.25 -40.11 15.37
CA CA K . 4.21 -43.30 15.08
CA CA L . 24.85 -17.10 15.39
CA CA M . -6.76 -38.51 12.62
CA CA N . 21.04 -42.16 14.14
CA CA O . -14.38 29.36 10.40
CA CA P . -6.92 29.65 0.09
CA CA Q . -9.60 5.23 -5.53
CA CA R . -19.63 4.04 0.14
CA CA S . -29.13 24.51 -11.33
CA CA T . -27.72 12.37 -4.50
CA CA U . -5.37 12.70 -14.13
CA CA V . -11.15 34.22 -22.70
CA CA W . -2.57 27.04 -21.96
CA CA X . -31.46 27.79 -10.76
#